data_6PZH
#
_entry.id   6PZH
#
_cell.length_a   72.269
_cell.length_b   74.542
_cell.length_c   178.266
_cell.angle_alpha   90.00
_cell.angle_beta   90.00
_cell.angle_gamma   90.00
#
_symmetry.space_group_name_H-M   'P 21 21 21'
#
loop_
_entity.id
_entity.type
_entity.pdbx_description
1 polymer 'NA-22 Fab light chain'
2 polymer 'NA-22 Fab heavy chain'
3 water water
#
loop_
_entity_poly.entity_id
_entity_poly.type
_entity_poly.pdbx_seq_one_letter_code
_entity_poly.pdbx_strand_id
1 'polypeptide(L)'
;DQSVLTQPASVSGSPGQSITISCTGTSSDVGGYNYVSWHQQHPGKAPKLMIYDVSNRPSGVSNRFSGSKSGNTASLTISG
LQTEDEADYYCSSYTSSTTNVFGTGTKVTVLGQPKAAPSVTLFPPSSEELQANKATLVCLISDFYPGAVTVAWKADSSPV
KAGVETTTPSKQSNNKYAASSYLSLTPEQWKSHRSYSCQVTHEGSTVEKTVAPTECS
;
L,A
2 'polypeptide(L)'
;DQVQLVESGGGVVQPGRSLRLSCAASGFTFNNYGMHWVRQAPGKGLEWVAVISYDGSNKYYADSVKGRFTISRDNSKNTL
YLQMNSLRAEDTAVYYCAKDKRFITMILVGPFDYWGQGTLVTVSSASTKGPSVFPLAPSSKSTSGGTAALGCLVKDYFPE
PVTVSWNSGALTSGVHTFPAVLQSSGLYSLSSVVTVPSSSLGTQTYICNVNHKPSNTKVDKRVEPKSCHHHHHH
;
H,B
#
# COMPACT_ATOMS: atom_id res chain seq x y z
N VAL A 4 -23.78 21.92 -19.10
CA VAL A 4 -23.77 23.39 -19.13
C VAL A 4 -23.86 23.95 -17.71
N LEU A 5 -23.94 23.08 -16.70
CA LEU A 5 -24.10 23.52 -15.32
C LEU A 5 -22.73 23.64 -14.66
N THR A 6 -22.40 24.85 -14.22
CA THR A 6 -21.07 25.15 -13.69
C THR A 6 -21.03 24.92 -12.18
N GLN A 7 -20.07 24.09 -11.73
CA GLN A 7 -19.75 23.85 -10.34
C GLN A 7 -18.30 24.21 -10.06
N PRO A 8 -17.96 24.59 -8.83
CA PRO A 8 -16.54 24.70 -8.48
C PRO A 8 -15.86 23.34 -8.57
N ALA A 9 -14.59 23.35 -9.00
CA ALA A 9 -13.86 22.09 -9.12
C ALA A 9 -13.54 21.50 -7.76
N SER A 10 -13.38 22.34 -6.74
CA SER A 10 -12.94 21.90 -5.44
C SER A 10 -13.56 22.78 -4.36
N VAL A 11 -14.11 22.14 -3.33
CA VAL A 11 -14.55 22.83 -2.13
C VAL A 11 -14.04 22.03 -0.95
N SER A 12 -13.45 22.71 0.02
CA SER A 12 -12.87 22.02 1.17
C SER A 12 -13.26 22.76 2.44
N GLY A 13 -13.23 22.03 3.54
CA GLY A 13 -13.51 22.60 4.84
C GLY A 13 -12.93 21.72 5.92
N SER A 14 -12.74 22.33 7.09
CA SER A 14 -12.25 21.59 8.23
C SER A 14 -13.38 20.74 8.79
N PRO A 15 -13.05 19.66 9.51
CA PRO A 15 -14.10 18.81 10.08
C PRO A 15 -15.01 19.63 11.00
N GLY A 16 -16.31 19.33 10.93
CA GLY A 16 -17.30 20.01 11.73
C GLY A 16 -17.84 21.29 11.14
N GLN A 17 -17.18 21.85 10.13
CA GLN A 17 -17.63 23.12 9.56
C GLN A 17 -18.68 22.90 8.48
N SER A 18 -19.28 23.99 8.05
CA SER A 18 -20.35 23.99 7.05
C SER A 18 -19.81 24.52 5.73
N ILE A 19 -20.07 23.78 4.64
CA ILE A 19 -19.63 24.18 3.31
C ILE A 19 -20.83 24.23 2.38
N THR A 20 -20.67 24.95 1.28
CA THR A 20 -21.70 25.15 0.27
C THR A 20 -21.12 24.93 -1.11
N ILE A 21 -21.80 24.14 -1.93
CA ILE A 21 -21.39 23.91 -3.32
C ILE A 21 -22.41 24.60 -4.20
N SER A 22 -21.94 25.46 -5.08
CA SER A 22 -22.80 26.19 -6.00
C SER A 22 -22.92 25.45 -7.33
N CYS A 23 -24.09 25.58 -7.95
CA CYS A 23 -24.36 25.00 -9.25
C CYS A 23 -25.02 26.08 -10.10
N THR A 24 -24.28 26.58 -11.10
CA THR A 24 -24.71 27.73 -11.88
C THR A 24 -25.15 27.27 -13.27
N GLY A 25 -26.41 27.48 -13.59
CA GLY A 25 -26.94 27.12 -14.89
C GLY A 25 -27.50 28.31 -15.65
N THR A 26 -28.64 28.12 -16.30
CA THR A 26 -29.28 29.16 -17.10
C THR A 26 -30.77 29.19 -16.79
N SER A 27 -31.46 30.16 -17.39
CA SER A 27 -32.91 30.24 -17.29
C SER A 27 -33.59 29.03 -17.91
N SER A 28 -32.85 28.24 -18.69
CA SER A 28 -33.35 27.01 -19.28
C SER A 28 -33.20 25.81 -18.36
N ASP A 29 -32.29 25.89 -17.38
CA ASP A 29 -31.92 24.75 -16.56
C ASP A 29 -32.34 25.02 -15.14
N VAL A 30 -31.40 25.38 -14.25
CA VAL A 30 -31.70 25.62 -12.85
C VAL A 30 -32.75 26.71 -12.68
N GLY A 31 -32.70 27.75 -13.51
CA GLY A 31 -33.62 28.85 -13.39
C GLY A 31 -35.02 28.57 -13.90
N GLY A 32 -35.18 27.59 -14.79
CA GLY A 32 -36.45 27.35 -15.43
C GLY A 32 -37.40 26.42 -14.71
N TYR A 33 -36.87 25.52 -13.89
CA TYR A 33 -37.67 24.48 -13.25
C TYR A 33 -37.20 24.30 -11.81
N ASN A 34 -38.05 23.68 -11.01
CA ASN A 34 -37.71 23.25 -9.66
C ASN A 34 -37.31 21.78 -9.63
N TYR A 35 -36.53 21.35 -10.63
CA TYR A 35 -36.14 19.96 -10.75
C TYR A 35 -34.63 19.81 -10.68
N VAL A 36 -34.01 20.43 -9.67
CA VAL A 36 -32.57 20.35 -9.45
C VAL A 36 -32.31 19.25 -8.44
N SER A 37 -31.31 18.41 -8.73
CA SER A 37 -30.91 17.33 -7.85
C SER A 37 -29.43 17.46 -7.49
N TRP A 38 -29.04 16.78 -6.41
CA TRP A 38 -27.65 16.68 -6.01
C TRP A 38 -27.30 15.22 -5.77
N HIS A 39 -26.14 14.80 -6.28
CA HIS A 39 -25.70 13.42 -6.19
C HIS A 39 -24.30 13.37 -5.60
N GLN A 40 -24.09 12.38 -4.73
CA GLN A 40 -22.82 12.15 -4.07
C GLN A 40 -22.21 10.86 -4.63
N GLN A 41 -20.92 10.90 -4.94
CA GLN A 41 -20.24 9.74 -5.50
C GLN A 41 -18.91 9.55 -4.80
N HIS A 42 -18.78 8.44 -4.06
CA HIS A 42 -17.53 8.04 -3.47
C HIS A 42 -16.68 7.30 -4.49
N PRO A 43 -15.37 7.22 -4.27
CA PRO A 43 -14.47 6.58 -5.23
C PRO A 43 -14.90 5.16 -5.57
N GLY A 44 -14.83 4.85 -6.86
CA GLY A 44 -15.12 3.50 -7.28
C GLY A 44 -16.53 3.02 -7.03
N LYS A 45 -17.47 3.94 -6.76
CA LYS A 45 -18.88 3.58 -6.68
C LYS A 45 -19.83 4.55 -7.33
N ALA A 46 -21.06 4.08 -7.37
CA ALA A 46 -22.14 4.68 -8.10
C ALA A 46 -22.71 5.84 -7.31
N PRO A 47 -23.22 6.83 -8.04
CA PRO A 47 -23.81 7.99 -7.40
C PRO A 47 -24.97 7.58 -6.51
N LYS A 48 -25.33 8.47 -5.61
CA LYS A 48 -26.44 8.27 -4.69
C LYS A 48 -27.15 9.59 -4.51
N LEU A 49 -28.48 9.55 -4.55
CA LEU A 49 -29.28 10.77 -4.49
C LEU A 49 -29.24 11.36 -3.09
N MET A 50 -28.88 12.65 -3.02
CA MET A 50 -28.84 13.41 -1.78
C MET A 50 -30.02 14.35 -1.64
N ILE A 51 -30.31 15.12 -2.69
CA ILE A 51 -31.38 16.10 -2.69
C ILE A 51 -32.05 16.08 -4.05
N TYR A 52 -33.37 16.20 -4.06
CA TYR A 52 -34.14 16.28 -5.29
C TYR A 52 -35.17 17.38 -5.17
N ASP A 53 -35.62 17.87 -6.33
CA ASP A 53 -36.57 18.97 -6.41
C ASP A 53 -36.10 20.15 -5.56
N VAL A 54 -34.84 20.53 -5.79
CA VAL A 54 -34.18 21.68 -5.17
C VAL A 54 -33.84 21.45 -3.70
N SER A 55 -34.79 20.94 -2.91
CA SER A 55 -34.58 20.95 -1.46
C SER A 55 -35.12 19.74 -0.71
N ASN A 56 -35.62 18.72 -1.38
CA ASN A 56 -36.11 17.53 -0.69
C ASN A 56 -35.00 16.52 -0.48
N ARG A 57 -35.08 15.79 0.64
CA ARG A 57 -34.13 14.75 0.98
C ARG A 57 -34.79 13.39 0.92
N PRO A 58 -34.20 12.40 0.26
CA PRO A 58 -34.68 11.03 0.43
C PRO A 58 -34.54 10.61 1.88
N SER A 59 -35.46 9.76 2.32
CA SER A 59 -35.36 9.21 3.67
C SER A 59 -34.09 8.39 3.79
N GLY A 60 -33.39 8.54 4.92
CA GLY A 60 -32.10 7.93 5.11
C GLY A 60 -30.92 8.83 4.79
N VAL A 61 -31.15 9.99 4.19
CA VAL A 61 -30.09 10.96 3.94
C VAL A 61 -30.02 11.91 5.12
N SER A 62 -28.82 12.07 5.69
CA SER A 62 -28.64 12.92 6.85
C SER A 62 -29.18 14.33 6.58
N ASN A 63 -29.79 14.92 7.60
CA ASN A 63 -30.35 16.27 7.47
C ASN A 63 -29.27 17.35 7.54
N ARG A 64 -27.99 16.98 7.64
CA ARG A 64 -26.95 17.98 7.48
C ARG A 64 -26.80 18.41 6.04
N PHE A 65 -27.35 17.64 5.10
CA PHE A 65 -27.41 18.04 3.70
C PHE A 65 -28.67 18.85 3.45
N SER A 66 -28.51 19.95 2.70
CA SER A 66 -29.62 20.86 2.44
C SER A 66 -29.43 21.50 1.08
N GLY A 67 -30.53 21.73 0.38
CA GLY A 67 -30.48 22.29 -0.96
C GLY A 67 -31.34 23.53 -1.04
N SER A 68 -30.89 24.46 -1.88
CA SER A 68 -31.60 25.71 -2.09
C SER A 68 -31.30 26.22 -3.50
N LYS A 69 -32.04 27.24 -3.92
CA LYS A 69 -31.93 27.78 -5.25
C LYS A 69 -32.22 29.27 -5.23
N SER A 70 -31.51 30.01 -6.08
CA SER A 70 -31.72 31.45 -6.23
C SER A 70 -31.36 31.84 -7.65
N GLY A 71 -32.35 32.22 -8.44
CA GLY A 71 -32.10 32.53 -9.83
C GLY A 71 -31.63 31.30 -10.60
N ASN A 72 -30.48 31.42 -11.24
CA ASN A 72 -29.90 30.33 -12.02
C ASN A 72 -28.84 29.55 -11.25
N THR A 73 -28.75 29.74 -9.93
CA THR A 73 -27.73 29.10 -9.11
C THR A 73 -28.40 28.27 -8.02
N ALA A 74 -28.16 26.97 -8.05
CA ALA A 74 -28.56 26.07 -6.98
C ALA A 74 -27.40 25.87 -6.01
N SER A 75 -27.74 25.57 -4.75
CA SER A 75 -26.71 25.43 -3.73
C SER A 75 -26.99 24.21 -2.87
N LEU A 76 -25.96 23.41 -2.65
CA LEU A 76 -25.98 22.31 -1.69
C LEU A 76 -25.13 22.71 -0.48
N THR A 77 -25.70 22.57 0.71
CA THR A 77 -25.02 22.92 1.95
C THR A 77 -24.85 21.67 2.80
N ILE A 78 -23.61 21.39 3.19
CA ILE A 78 -23.29 20.29 4.07
C ILE A 78 -22.84 20.89 5.40
N SER A 79 -23.67 20.74 6.43
CA SER A 79 -23.33 21.19 7.76
C SER A 79 -22.59 20.10 8.53
N GLY A 80 -21.78 20.52 9.50
CA GLY A 80 -21.04 19.62 10.35
C GLY A 80 -20.25 18.57 9.59
N LEU A 81 -19.33 19.01 8.74
CA LEU A 81 -18.55 18.13 7.87
C LEU A 81 -17.99 16.93 8.62
N GLN A 82 -18.20 15.75 8.06
CA GLN A 82 -17.62 14.51 8.56
C GLN A 82 -16.74 13.92 7.47
N THR A 83 -15.76 13.11 7.87
CA THR A 83 -14.76 12.62 6.90
C THR A 83 -15.41 11.79 5.80
N GLU A 84 -16.49 11.06 6.09
CA GLU A 84 -17.17 10.28 5.07
C GLU A 84 -18.05 11.12 4.15
N ASP A 85 -18.13 12.42 4.37
CA ASP A 85 -18.73 13.31 3.39
C ASP A 85 -17.79 13.59 2.22
N GLU A 86 -16.50 13.26 2.36
CA GLU A 86 -15.53 13.43 1.30
C GLU A 86 -15.90 12.57 0.10
N ALA A 87 -16.25 13.22 -1.02
CA ALA A 87 -16.69 12.53 -2.22
C ALA A 87 -16.81 13.57 -3.34
N ASP A 88 -17.11 13.11 -4.54
CA ASP A 88 -17.46 13.99 -5.64
C ASP A 88 -18.96 14.27 -5.61
N TYR A 89 -19.33 15.52 -5.86
CA TYR A 89 -20.72 15.95 -5.84
C TYR A 89 -21.09 16.57 -7.18
N TYR A 90 -22.24 16.14 -7.71
CA TYR A 90 -22.75 16.60 -8.99
C TYR A 90 -24.16 17.13 -8.79
N CYS A 91 -24.42 18.33 -9.31
CA CYS A 91 -25.79 18.77 -9.48
C CYS A 91 -26.33 18.26 -10.81
N SER A 92 -27.65 18.28 -10.94
CA SER A 92 -28.30 17.87 -12.19
C SER A 92 -29.64 18.57 -12.30
N SER A 93 -30.09 18.77 -13.54
CA SER A 93 -31.34 19.49 -13.78
C SER A 93 -31.95 19.04 -15.11
N TYR A 94 -33.27 19.12 -15.17
CA TYR A 94 -33.99 19.11 -16.43
C TYR A 94 -33.75 20.42 -17.18
N THR A 95 -33.75 20.35 -18.51
CA THR A 95 -33.48 21.49 -19.39
C THR A 95 -34.62 21.69 -20.39
N SER A 96 -34.51 22.78 -21.17
CA SER A 96 -35.47 23.20 -22.18
C SER A 96 -35.40 22.28 -23.39
N SER A 97 -34.27 21.64 -23.51
CA SER A 97 -33.96 20.81 -24.63
C SER A 97 -34.52 19.44 -24.46
N THR A 98 -35.50 19.30 -23.55
CA THR A 98 -36.05 18.02 -23.12
C THR A 98 -34.95 16.99 -22.92
N THR A 99 -33.90 17.41 -22.21
CA THR A 99 -32.81 16.54 -21.80
C THR A 99 -32.61 16.69 -20.30
N ASN A 100 -31.59 15.99 -19.80
CA ASN A 100 -31.10 16.14 -18.44
C ASN A 100 -29.59 16.32 -18.50
N VAL A 101 -29.06 17.16 -17.63
CA VAL A 101 -27.64 17.49 -17.67
C VAL A 101 -27.09 17.46 -16.25
N PHE A 102 -25.85 16.99 -16.11
CA PHE A 102 -25.13 17.00 -14.85
C PHE A 102 -24.20 18.20 -14.81
N GLY A 103 -23.90 18.66 -13.60
CA GLY A 103 -22.88 19.69 -13.43
C GLY A 103 -21.49 19.15 -13.68
N THR A 104 -20.53 20.06 -13.70
CA THR A 104 -19.14 19.67 -13.94
C THR A 104 -18.55 18.87 -12.80
N GLY A 105 -19.15 18.94 -11.61
CA GLY A 105 -18.66 18.13 -10.49
C GLY A 105 -17.76 18.89 -9.54
N THR A 106 -17.88 18.57 -8.25
CA THR A 106 -17.10 19.21 -7.20
C THR A 106 -16.52 18.12 -6.31
N LYS A 107 -15.19 18.11 -6.16
CA LYS A 107 -14.58 17.26 -5.15
C LYS A 107 -14.63 17.99 -3.81
N VAL A 108 -15.28 17.36 -2.83
CA VAL A 108 -15.34 17.91 -1.48
C VAL A 108 -14.24 17.25 -0.66
N THR A 109 -13.35 18.07 -0.11
CA THR A 109 -12.27 17.60 0.74
C THR A 109 -12.57 17.98 2.18
N VAL A 110 -12.50 17.00 3.08
CA VAL A 110 -12.57 17.23 4.52
C VAL A 110 -11.12 17.30 5.00
N LEU A 111 -10.67 18.50 5.35
CA LEU A 111 -9.25 18.73 5.59
C LEU A 111 -8.74 17.83 6.70
N GLY A 112 -7.81 16.93 6.35
CA GLY A 112 -7.23 16.02 7.31
C GLY A 112 -5.71 16.09 7.35
N GLN A 113 -5.15 17.11 6.71
CA GLN A 113 -3.72 17.37 6.73
C GLN A 113 -3.51 18.80 6.28
N PRO A 114 -2.32 19.37 6.50
CA PRO A 114 -2.12 20.79 6.15
C PRO A 114 -2.16 21.02 4.64
N LYS A 115 -2.66 22.20 4.28
CA LYS A 115 -2.70 22.59 2.88
C LYS A 115 -1.29 22.78 2.34
N ALA A 116 -1.13 22.45 1.06
CA ALA A 116 0.17 22.54 0.40
C ALA A 116 -0.04 22.97 -1.04
N ALA A 117 0.69 24.00 -1.46
CA ALA A 117 0.60 24.47 -2.83
C ALA A 117 1.33 23.51 -3.76
N PRO A 118 0.89 23.38 -5.01
CA PRO A 118 1.50 22.40 -5.90
C PRO A 118 2.89 22.82 -6.35
N SER A 119 3.77 21.83 -6.45
CA SER A 119 5.05 21.97 -7.13
C SER A 119 4.87 21.49 -8.56
N VAL A 120 5.34 22.28 -9.53
CA VAL A 120 5.11 22.03 -10.94
C VAL A 120 6.44 21.93 -11.66
N THR A 121 6.67 20.80 -12.34
CA THR A 121 7.81 20.62 -13.22
C THR A 121 7.30 20.32 -14.63
N LEU A 122 7.76 21.09 -15.61
CA LEU A 122 7.31 20.96 -17.00
C LEU A 122 8.45 20.43 -17.85
N PHE A 123 8.26 19.25 -18.45
CA PHE A 123 9.27 18.62 -19.29
C PHE A 123 8.96 18.88 -20.75
N PRO A 124 9.89 19.44 -21.53
CA PRO A 124 9.71 19.52 -22.98
C PRO A 124 9.84 18.15 -23.62
N PRO A 125 9.51 18.02 -24.91
CA PRO A 125 9.73 16.73 -25.58
C PRO A 125 11.20 16.35 -25.60
N SER A 126 11.48 15.06 -25.39
CA SER A 126 12.84 14.57 -25.48
C SER A 126 13.29 14.49 -26.95
N SER A 127 14.59 14.65 -27.16
CA SER A 127 15.13 14.54 -28.51
C SER A 127 14.81 13.19 -29.14
N GLU A 128 14.79 12.13 -28.32
CA GLU A 128 14.49 10.80 -28.84
C GLU A 128 13.03 10.67 -29.26
N GLU A 129 12.13 11.34 -28.56
CA GLU A 129 10.73 11.32 -29.00
C GLU A 129 10.55 12.13 -30.28
N LEU A 130 11.18 13.31 -30.38
CA LEU A 130 11.05 14.10 -31.60
C LEU A 130 11.66 13.39 -32.80
N GLN A 131 12.80 12.72 -32.58
CA GLN A 131 13.36 11.90 -33.65
C GLN A 131 12.42 10.77 -34.03
N ALA A 132 11.58 10.33 -33.11
CA ALA A 132 10.51 9.38 -33.41
C ALA A 132 9.27 10.07 -33.97
N ASN A 133 9.40 11.35 -34.35
CA ASN A 133 8.32 12.12 -34.98
C ASN A 133 7.08 12.20 -34.08
N LYS A 134 7.31 12.39 -32.78
CA LYS A 134 6.25 12.68 -31.84
C LYS A 134 6.76 13.71 -30.84
N ALA A 135 5.83 14.36 -30.15
CA ALA A 135 6.18 15.41 -29.20
C ALA A 135 5.15 15.47 -28.09
N THR A 136 5.56 15.16 -26.87
CA THR A 136 4.69 15.24 -25.71
C THR A 136 5.29 16.19 -24.69
N LEU A 137 4.50 17.18 -24.28
CA LEU A 137 4.86 18.02 -23.15
C LEU A 137 4.27 17.41 -21.90
N VAL A 138 5.10 17.22 -20.88
CA VAL A 138 4.71 16.52 -19.66
C VAL A 138 4.75 17.50 -18.50
N CYS A 139 3.59 17.83 -17.96
CA CYS A 139 3.44 18.71 -16.81
C CYS A 139 3.12 17.84 -15.61
N LEU A 140 4.04 17.75 -14.68
CA LEU A 140 3.89 16.89 -13.51
C LEU A 140 3.71 17.75 -12.28
N ILE A 141 2.60 17.53 -11.58
CA ILE A 141 2.16 18.38 -10.47
C ILE A 141 2.23 17.53 -9.21
N SER A 142 2.92 18.04 -8.18
CA SER A 142 3.21 17.21 -7.03
C SER A 142 3.10 18.00 -5.74
N ASP A 143 2.98 17.25 -4.64
CA ASP A 143 3.09 17.77 -3.28
C ASP A 143 2.03 18.84 -2.97
N PHE A 144 0.78 18.58 -3.36
CA PHE A 144 -0.29 19.51 -3.07
C PHE A 144 -1.42 18.83 -2.28
N TYR A 145 -2.15 19.66 -1.54
CA TYR A 145 -3.32 19.26 -0.77
C TYR A 145 -4.20 20.48 -0.55
N PRO A 146 -5.53 20.39 -0.75
CA PRO A 146 -6.31 19.22 -1.19
C PRO A 146 -5.95 18.71 -2.59
N GLY A 147 -6.28 17.45 -2.86
CA GLY A 147 -5.98 16.84 -4.14
C GLY A 147 -6.97 17.16 -5.23
N ALA A 148 -7.00 18.42 -5.65
CA ALA A 148 -7.88 18.86 -6.73
C ALA A 148 -7.25 20.06 -7.39
N VAL A 149 -6.89 19.91 -8.67
CA VAL A 149 -6.33 20.99 -9.47
C VAL A 149 -7.04 21.02 -10.81
N THR A 150 -6.91 22.15 -11.48
CA THR A 150 -7.33 22.28 -12.87
C THR A 150 -6.15 22.81 -13.67
N VAL A 151 -5.93 22.21 -14.84
CA VAL A 151 -4.75 22.48 -15.66
C VAL A 151 -5.20 23.18 -16.93
N ALA A 152 -4.50 24.25 -17.29
CA ALA A 152 -4.71 24.94 -18.56
C ALA A 152 -3.38 25.04 -19.27
N TRP A 153 -3.41 24.93 -20.59
CA TRP A 153 -2.22 24.96 -21.41
C TRP A 153 -2.25 26.18 -22.32
N LYS A 154 -1.08 26.73 -22.59
CA LYS A 154 -0.96 27.86 -23.51
C LYS A 154 0.19 27.62 -24.48
N ALA A 155 -0.07 27.91 -25.75
CA ALA A 155 0.96 28.01 -26.78
C ALA A 155 1.21 29.49 -26.99
N ASP A 156 2.44 29.94 -26.76
CA ASP A 156 2.71 31.37 -26.63
C ASP A 156 1.85 31.92 -25.48
N SER A 157 0.85 32.74 -25.79
CA SER A 157 0.00 33.30 -24.76
C SER A 157 -1.47 32.91 -24.92
N SER A 158 -1.83 32.14 -25.97
CA SER A 158 -3.23 31.80 -26.18
C SER A 158 -3.51 30.37 -25.71
N PRO A 159 -4.69 30.11 -25.15
CA PRO A 159 -4.96 28.78 -24.60
C PRO A 159 -5.06 27.72 -25.68
N VAL A 160 -4.80 26.48 -25.27
CA VAL A 160 -4.83 25.32 -26.15
C VAL A 160 -5.66 24.24 -25.47
N LYS A 161 -6.63 23.69 -26.20
CA LYS A 161 -7.49 22.64 -25.66
C LYS A 161 -7.34 21.30 -26.38
N ALA A 162 -6.89 21.31 -27.64
CA ALA A 162 -6.72 20.08 -28.39
C ALA A 162 -5.45 19.35 -27.95
N GLY A 163 -5.57 18.06 -27.70
CA GLY A 163 -4.41 17.24 -27.37
C GLY A 163 -4.02 17.21 -25.91
N VAL A 164 -4.88 17.65 -25.01
CA VAL A 164 -4.59 17.70 -23.57
C VAL A 164 -5.22 16.47 -22.91
N GLU A 165 -4.43 15.79 -22.08
CA GLU A 165 -4.92 14.71 -21.24
C GLU A 165 -4.34 14.88 -19.85
N THR A 166 -5.21 14.78 -18.84
CA THR A 166 -4.82 15.07 -17.45
C THR A 166 -5.31 13.95 -16.55
N THR A 167 -4.44 13.42 -15.71
CA THR A 167 -4.84 12.40 -14.77
C THR A 167 -5.53 13.03 -13.55
N THR A 168 -6.36 12.24 -12.89
CA THR A 168 -6.99 12.68 -11.67
C THR A 168 -6.04 12.46 -10.49
N PRO A 169 -5.92 13.43 -9.59
CA PRO A 169 -4.86 13.37 -8.58
C PRO A 169 -4.99 12.15 -7.66
N SER A 170 -3.84 11.57 -7.32
CA SER A 170 -3.77 10.46 -6.39
C SER A 170 -2.58 10.68 -5.47
N LYS A 171 -2.61 10.00 -4.34
CA LYS A 171 -1.65 10.27 -3.27
C LYS A 171 -0.27 9.75 -3.62
N GLN A 172 0.75 10.49 -3.18
CA GLN A 172 2.15 10.11 -3.32
C GLN A 172 2.61 9.28 -2.13
N SER A 173 3.89 8.87 -2.18
CA SER A 173 4.51 8.21 -1.05
C SER A 173 4.43 9.07 0.20
N ASN A 174 4.66 10.37 0.07
CA ASN A 174 4.62 11.26 1.23
C ASN A 174 3.21 11.69 1.58
N ASN A 175 2.21 10.95 1.09
CA ASN A 175 0.80 11.17 1.40
C ASN A 175 0.31 12.59 1.09
N LYS A 176 0.99 13.33 0.24
CA LYS A 176 0.43 14.46 -0.49
C LYS A 176 -0.05 13.98 -1.87
N TYR A 177 -0.61 14.88 -2.68
CA TYR A 177 -1.20 14.47 -3.95
C TYR A 177 -0.32 14.83 -5.13
N ALA A 178 -0.49 14.07 -6.22
CA ALA A 178 0.22 14.31 -7.46
C ALA A 178 -0.72 14.10 -8.63
N ALA A 179 -0.48 14.84 -9.72
CA ALA A 179 -1.25 14.67 -10.93
C ALA A 179 -0.33 14.94 -12.12
N SER A 180 -0.79 14.52 -13.30
CA SER A 180 0.00 14.64 -14.52
C SER A 180 -0.89 15.11 -15.65
N SER A 181 -0.35 16.01 -16.48
CA SER A 181 -1.06 16.52 -17.64
C SER A 181 -0.14 16.48 -18.84
N TYR A 182 -0.69 16.11 -19.99
CA TYR A 182 0.08 15.94 -21.21
C TYR A 182 -0.50 16.83 -22.30
N LEU A 183 0.38 17.48 -23.07
CA LEU A 183 -0.01 18.17 -24.29
C LEU A 183 0.67 17.46 -25.45
N SER A 184 -0.11 16.73 -26.24
CA SER A 184 0.42 16.01 -27.39
C SER A 184 0.32 16.88 -28.64
N LEU A 185 1.46 17.07 -29.31
CA LEU A 185 1.52 17.84 -30.54
C LEU A 185 2.54 17.19 -31.48
N THR A 186 2.56 17.68 -32.72
CA THR A 186 3.56 17.24 -33.68
C THR A 186 4.89 17.96 -33.46
N PRO A 187 6.00 17.37 -33.92
CA PRO A 187 7.28 18.08 -33.83
C PRO A 187 7.28 19.41 -34.55
N GLU A 188 6.53 19.55 -35.64
CA GLU A 188 6.40 20.83 -36.30
C GLU A 188 5.72 21.85 -35.39
N GLN A 189 4.57 21.48 -34.83
CA GLN A 189 3.89 22.32 -33.85
C GLN A 189 4.84 22.74 -32.73
N TRP A 190 5.65 21.81 -32.22
CA TRP A 190 6.56 22.12 -31.12
C TRP A 190 7.50 23.25 -31.49
N LYS A 191 8.15 23.17 -32.65
CA LYS A 191 9.10 24.19 -33.07
C LYS A 191 8.45 25.45 -33.63
N SER A 192 7.16 25.40 -33.97
CA SER A 192 6.53 26.54 -34.62
C SER A 192 6.07 27.61 -33.64
N HIS A 193 6.21 27.39 -32.33
CA HIS A 193 5.79 28.36 -31.33
C HIS A 193 7.01 28.85 -30.54
N ARG A 194 6.84 29.98 -29.86
CA ARG A 194 7.94 30.57 -29.11
C ARG A 194 8.07 29.95 -27.73
N SER A 195 6.94 29.60 -27.09
CA SER A 195 6.97 29.03 -25.75
C SER A 195 5.64 28.35 -25.48
N TYR A 196 5.67 27.42 -24.54
CA TYR A 196 4.47 26.76 -24.06
C TYR A 196 4.41 26.89 -22.54
N SER A 197 3.19 26.90 -22.03
CA SER A 197 3.00 27.09 -20.60
C SER A 197 1.99 26.08 -20.06
N CYS A 198 2.32 25.54 -18.89
CA CYS A 198 1.41 24.75 -18.07
C CYS A 198 1.02 25.58 -16.86
N GLN A 199 -0.26 25.86 -16.73
CA GLN A 199 -0.81 26.61 -15.60
C GLN A 199 -1.69 25.70 -14.77
N VAL A 200 -1.42 25.67 -13.47
CA VAL A 200 -2.13 24.81 -12.54
C VAL A 200 -2.79 25.69 -11.49
N THR A 201 -4.10 25.61 -11.40
CA THR A 201 -4.89 26.36 -10.43
C THR A 201 -5.17 25.46 -9.24
N HIS A 202 -4.87 25.96 -8.05
CA HIS A 202 -5.06 25.19 -6.82
C HIS A 202 -5.52 26.14 -5.73
N GLU A 203 -6.70 25.89 -5.18
CA GLU A 203 -7.27 26.67 -4.08
C GLU A 203 -7.31 28.15 -4.44
N GLY A 204 -7.87 28.44 -5.63
CA GLY A 204 -8.08 29.81 -6.03
C GLY A 204 -6.81 30.55 -6.44
N SER A 205 -5.71 29.85 -6.65
CA SER A 205 -4.45 30.47 -7.00
C SER A 205 -3.73 29.62 -8.04
N THR A 206 -2.93 30.28 -8.88
CA THR A 206 -2.36 29.62 -10.05
C THR A 206 -0.83 29.71 -10.06
N VAL A 207 -0.20 28.57 -10.33
CA VAL A 207 1.23 28.50 -10.59
C VAL A 207 1.42 28.13 -12.06
N GLU A 208 2.33 28.82 -12.74
CA GLU A 208 2.60 28.65 -14.17
C GLU A 208 4.07 28.38 -14.43
N LYS A 209 4.36 27.33 -15.20
CA LYS A 209 5.70 27.05 -15.69
C LYS A 209 5.72 27.08 -17.22
N THR A 210 6.83 27.54 -17.77
CA THR A 210 6.95 27.79 -19.20
C THR A 210 8.23 27.17 -19.74
N VAL A 211 8.13 26.49 -20.88
CA VAL A 211 9.27 25.95 -21.60
C VAL A 211 9.31 26.58 -22.99
N ALA A 212 10.50 26.64 -23.57
CA ALA A 212 10.68 27.16 -24.91
C ALA A 212 11.53 26.21 -25.73
N PRO A 213 11.23 26.03 -27.02
CA PRO A 213 12.02 25.09 -27.84
C PRO A 213 13.49 25.45 -27.99
N THR A 214 13.92 26.62 -27.54
CA THR A 214 15.26 27.13 -27.83
C THR A 214 16.11 27.32 -26.58
N GLU A 215 15.86 26.56 -25.51
CA GLU A 215 16.44 26.90 -24.21
C GLU A 215 17.29 25.78 -23.62
N CYS A 216 16.69 24.65 -23.20
CA CYS A 216 17.33 23.57 -22.43
C CYS A 216 17.39 23.94 -20.96
N GLN B 2 -34.09 -2.83 -1.05
CA GLN B 2 -34.55 -3.94 -1.88
C GLN B 2 -34.38 -3.65 -3.37
N VAL B 3 -34.45 -2.37 -3.74
CA VAL B 3 -34.25 -1.97 -5.13
C VAL B 3 -32.85 -2.35 -5.58
N GLN B 4 -32.76 -3.00 -6.74
CA GLN B 4 -31.49 -3.44 -7.30
C GLN B 4 -31.51 -3.27 -8.81
N LEU B 5 -30.39 -2.81 -9.35
CA LEU B 5 -30.23 -2.61 -10.79
C LEU B 5 -28.89 -3.20 -11.19
N VAL B 6 -28.89 -4.06 -12.20
CA VAL B 6 -27.68 -4.78 -12.61
C VAL B 6 -27.48 -4.58 -14.10
N GLU B 7 -26.46 -3.82 -14.47
CA GLU B 7 -26.08 -3.66 -15.87
C GLU B 7 -25.17 -4.79 -16.31
N SER B 8 -25.22 -5.10 -17.61
CA SER B 8 -24.35 -6.10 -18.21
C SER B 8 -24.25 -5.81 -19.69
N GLY B 9 -23.39 -6.58 -20.36
CA GLY B 9 -23.18 -6.45 -21.78
C GLY B 9 -21.97 -5.62 -22.17
N GLY B 10 -21.30 -5.00 -21.20
CA GLY B 10 -20.13 -4.22 -21.50
C GLY B 10 -18.91 -5.08 -21.83
N GLY B 11 -17.95 -4.47 -22.49
CA GLY B 11 -16.73 -5.16 -22.84
C GLY B 11 -15.93 -4.35 -23.84
N VAL B 12 -14.91 -5.00 -24.41
CA VAL B 12 -14.07 -4.36 -25.41
C VAL B 12 -14.76 -4.48 -26.77
N VAL B 13 -14.81 -3.36 -27.51
CA VAL B 13 -15.45 -3.33 -28.80
C VAL B 13 -14.66 -2.43 -29.74
N GLN B 14 -14.67 -2.76 -31.02
CA GLN B 14 -13.91 -1.94 -31.94
C GLN B 14 -14.76 -0.79 -32.47
N PRO B 15 -14.12 0.33 -32.82
CA PRO B 15 -14.87 1.48 -33.35
C PRO B 15 -15.72 1.11 -34.57
N GLY B 16 -16.86 1.81 -34.69
CA GLY B 16 -17.81 1.55 -35.75
C GLY B 16 -18.73 0.39 -35.51
N ARG B 17 -18.34 -0.57 -34.67
CA ARG B 17 -19.16 -1.73 -34.36
C ARG B 17 -20.33 -1.33 -33.47
N SER B 18 -21.16 -2.31 -33.13
CA SER B 18 -22.31 -2.09 -32.27
C SER B 18 -22.17 -2.91 -30.99
N LEU B 19 -22.97 -2.55 -29.99
CA LEU B 19 -22.99 -3.24 -28.72
C LEU B 19 -24.30 -2.93 -28.00
N ARG B 20 -24.82 -3.91 -27.28
CA ARG B 20 -26.12 -3.79 -26.63
C ARG B 20 -25.95 -4.04 -25.13
N LEU B 21 -26.23 -3.01 -24.35
CA LEU B 21 -26.22 -3.11 -22.90
C LEU B 21 -27.62 -3.41 -22.37
N SER B 22 -27.67 -4.11 -21.25
CA SER B 22 -28.93 -4.38 -20.58
C SER B 22 -28.83 -3.99 -19.12
N CYS B 23 -29.99 -3.69 -18.53
CA CYS B 23 -30.06 -3.36 -17.11
C CYS B 23 -31.29 -4.06 -16.54
N ALA B 24 -31.05 -5.00 -15.62
CA ALA B 24 -32.14 -5.76 -15.02
C ALA B 24 -32.55 -5.12 -13.70
N ALA B 25 -33.84 -5.02 -13.48
CA ALA B 25 -34.40 -4.31 -12.32
C ALA B 25 -35.21 -5.25 -11.46
N SER B 26 -35.17 -5.00 -10.15
CA SER B 26 -35.94 -5.77 -9.18
C SER B 26 -36.19 -4.90 -7.96
N GLY B 27 -37.12 -5.34 -7.13
CA GLY B 27 -37.43 -4.66 -5.89
C GLY B 27 -38.37 -3.49 -6.01
N PHE B 28 -38.91 -3.24 -7.20
CA PHE B 28 -39.93 -2.22 -7.40
C PHE B 28 -40.73 -2.60 -8.64
N THR B 29 -41.87 -1.95 -8.80
CA THR B 29 -42.73 -2.22 -9.95
C THR B 29 -42.10 -1.54 -11.17
N PHE B 30 -41.23 -2.31 -11.84
CA PHE B 30 -40.53 -1.80 -13.03
C PHE B 30 -41.51 -1.14 -13.99
N ASN B 31 -42.70 -1.74 -14.12
CA ASN B 31 -43.73 -1.30 -15.04
C ASN B 31 -44.20 0.13 -14.81
N ASN B 32 -43.90 0.71 -13.64
CA ASN B 32 -44.46 1.99 -13.27
C ASN B 32 -43.52 3.18 -13.41
N TYR B 33 -42.27 2.96 -13.83
CA TYR B 33 -41.28 4.02 -13.74
C TYR B 33 -40.46 4.13 -15.01
N GLY B 34 -40.08 5.37 -15.34
CA GLY B 34 -39.09 5.61 -16.36
C GLY B 34 -37.69 5.21 -15.93
N MET B 35 -36.81 5.11 -16.91
CA MET B 35 -35.45 4.63 -16.69
C MET B 35 -34.48 5.50 -17.48
N HIS B 36 -33.34 5.84 -16.86
CA HIS B 36 -32.31 6.60 -17.54
C HIS B 36 -31.05 5.76 -17.73
N TRP B 37 -30.29 6.11 -18.76
CA TRP B 37 -28.90 5.67 -18.91
C TRP B 37 -27.99 6.86 -18.68
N VAL B 38 -26.94 6.65 -17.88
CA VAL B 38 -25.95 7.69 -17.59
C VAL B 38 -24.58 7.02 -17.71
N ARG B 39 -23.63 7.73 -18.33
CA ARG B 39 -22.29 7.20 -18.51
C ARG B 39 -21.28 8.12 -17.84
N GLN B 40 -20.10 7.55 -17.57
CA GLN B 40 -19.02 8.28 -16.93
C GLN B 40 -17.70 7.76 -17.51
N ALA B 41 -17.03 8.61 -18.29
CA ALA B 41 -15.72 8.27 -18.80
C ALA B 41 -14.73 8.15 -17.63
N PRO B 42 -13.70 7.30 -17.76
CA PRO B 42 -12.79 7.08 -16.64
C PRO B 42 -12.18 8.36 -16.08
N GLY B 43 -12.44 8.64 -14.81
CA GLY B 43 -11.91 9.84 -14.18
C GLY B 43 -12.59 11.13 -14.59
N LYS B 44 -13.75 11.07 -15.22
CA LYS B 44 -14.46 12.25 -15.67
C LYS B 44 -15.81 12.35 -14.98
N GLY B 45 -16.63 13.30 -15.41
CA GLY B 45 -17.90 13.56 -14.79
C GLY B 45 -19.03 12.71 -15.35
N LEU B 46 -20.16 12.76 -14.67
CA LEU B 46 -21.36 12.07 -15.14
C LEU B 46 -21.91 12.76 -16.38
N GLU B 47 -22.37 11.95 -17.34
CA GLU B 47 -23.01 12.46 -18.55
C GLU B 47 -24.31 11.71 -18.77
N TRP B 48 -25.41 12.44 -18.75
CA TRP B 48 -26.72 11.86 -19.02
C TRP B 48 -26.80 11.44 -20.48
N VAL B 49 -27.33 10.24 -20.72
CA VAL B 49 -27.34 9.62 -22.05
C VAL B 49 -28.73 9.59 -22.66
N ALA B 50 -29.69 8.95 -21.99
CA ALA B 50 -31.01 8.77 -22.58
C ALA B 50 -32.01 8.44 -21.48
N VAL B 51 -33.28 8.57 -21.82
CA VAL B 51 -34.38 8.28 -20.91
C VAL B 51 -35.51 7.63 -21.69
N ILE B 52 -36.28 6.77 -21.01
CA ILE B 52 -37.45 6.14 -21.57
C ILE B 52 -38.55 6.11 -20.52
N SER B 53 -39.78 6.32 -20.96
CA SER B 53 -40.92 6.35 -20.05
C SER B 53 -41.34 4.93 -19.67
N TYR B 54 -42.28 4.85 -18.71
CA TYR B 54 -42.65 3.58 -18.12
C TYR B 54 -43.15 2.57 -19.15
N ASP B 55 -43.82 3.03 -20.21
CA ASP B 55 -44.34 2.14 -21.23
C ASP B 55 -43.59 2.25 -22.55
N GLY B 56 -42.48 2.98 -22.57
CA GLY B 56 -41.69 3.16 -23.78
C GLY B 56 -42.27 4.12 -24.79
N SER B 57 -43.32 4.86 -24.43
CA SER B 57 -43.95 5.79 -25.36
C SER B 57 -43.08 7.00 -25.65
N ASN B 58 -42.24 7.41 -24.71
CA ASN B 58 -41.39 8.57 -24.88
C ASN B 58 -39.94 8.18 -24.68
N LYS B 59 -39.09 8.64 -25.59
CA LYS B 59 -37.65 8.42 -25.53
C LYS B 59 -36.96 9.71 -25.91
N TYR B 60 -35.92 10.07 -25.15
CA TYR B 60 -35.12 11.26 -25.44
C TYR B 60 -33.65 10.92 -25.23
N TYR B 61 -32.80 11.61 -25.98
CA TYR B 61 -31.39 11.30 -26.01
C TYR B 61 -30.57 12.56 -25.85
N ALA B 62 -29.37 12.41 -25.28
CA ALA B 62 -28.40 13.48 -25.31
C ALA B 62 -27.94 13.72 -26.74
N ASP B 63 -27.54 14.97 -27.01
CA ASP B 63 -27.07 15.31 -28.35
C ASP B 63 -25.86 14.47 -28.77
N SER B 64 -25.00 14.12 -27.80
CA SER B 64 -23.78 13.39 -28.10
C SER B 64 -24.03 11.96 -28.54
N VAL B 65 -25.26 11.44 -28.41
CA VAL B 65 -25.53 10.06 -28.78
C VAL B 65 -26.74 9.97 -29.70
N LYS B 66 -27.46 11.08 -29.89
CA LYS B 66 -28.65 11.05 -30.71
C LYS B 66 -28.33 10.60 -32.13
N GLY B 67 -29.14 9.67 -32.64
CA GLY B 67 -28.94 9.10 -33.95
C GLY B 67 -28.13 7.81 -33.93
N ARG B 68 -27.25 7.65 -32.94
CA ARG B 68 -26.39 6.48 -32.86
C ARG B 68 -26.81 5.49 -31.78
N PHE B 69 -27.49 5.95 -30.73
CA PHE B 69 -27.92 5.11 -29.63
C PHE B 69 -29.44 5.07 -29.59
N THR B 70 -29.99 3.91 -29.27
CA THR B 70 -31.42 3.78 -29.04
C THR B 70 -31.66 3.14 -27.68
N ILE B 71 -32.66 3.64 -26.97
CA ILE B 71 -33.06 3.11 -25.68
C ILE B 71 -34.37 2.37 -25.85
N SER B 72 -34.52 1.26 -25.12
CA SER B 72 -35.74 0.47 -25.18
C SER B 72 -35.86 -0.30 -23.88
N ARG B 73 -37.04 -0.90 -23.68
CA ARG B 73 -37.29 -1.72 -22.51
C ARG B 73 -38.17 -2.88 -22.91
N ASP B 74 -38.07 -3.95 -22.15
CA ASP B 74 -38.97 -5.11 -22.26
C ASP B 74 -39.53 -5.34 -20.87
N ASN B 75 -40.75 -4.85 -20.64
CA ASN B 75 -41.38 -4.92 -19.33
C ASN B 75 -41.70 -6.35 -18.92
N SER B 76 -41.83 -7.27 -19.87
CA SER B 76 -42.03 -8.67 -19.51
C SER B 76 -40.79 -9.29 -18.89
N LYS B 77 -39.62 -8.68 -19.06
CA LYS B 77 -38.38 -9.20 -18.49
C LYS B 77 -37.73 -8.22 -17.52
N ASN B 78 -38.48 -7.19 -17.08
CA ASN B 78 -37.99 -6.15 -16.18
C ASN B 78 -36.61 -5.66 -16.59
N THR B 79 -36.38 -5.45 -17.87
CA THR B 79 -35.05 -5.15 -18.37
C THR B 79 -35.07 -3.92 -19.26
N LEU B 80 -34.07 -3.06 -19.05
CA LEU B 80 -33.83 -1.88 -19.86
C LEU B 80 -32.63 -2.14 -20.76
N TYR B 81 -32.70 -1.66 -22.01
CA TYR B 81 -31.65 -1.87 -22.98
C TYR B 81 -31.13 -0.54 -23.53
N LEU B 82 -29.85 -0.54 -23.90
CA LEU B 82 -29.24 0.56 -24.66
C LEU B 82 -28.55 -0.04 -25.87
N GLN B 83 -29.06 0.25 -27.07
CA GLN B 83 -28.46 -0.22 -28.30
C GLN B 83 -27.48 0.85 -28.80
N MET B 84 -26.19 0.52 -28.79
CA MET B 84 -25.13 1.44 -29.18
C MET B 84 -24.62 1.06 -30.56
N ASN B 85 -24.67 2.01 -31.50
CA ASN B 85 -24.17 1.82 -32.86
C ASN B 85 -23.14 2.90 -33.19
N SER B 86 -22.30 2.60 -34.18
CA SER B 86 -21.27 3.53 -34.65
C SER B 86 -20.40 4.00 -33.48
N LEU B 87 -19.88 3.05 -32.72
CA LEU B 87 -19.14 3.36 -31.51
C LEU B 87 -17.82 4.04 -31.84
N ARG B 88 -17.47 5.04 -31.04
CA ARG B 88 -16.21 5.75 -31.15
C ARG B 88 -15.48 5.71 -29.81
N ALA B 89 -14.18 6.04 -29.85
CA ALA B 89 -13.39 6.05 -28.63
C ALA B 89 -13.99 6.99 -27.58
N GLU B 90 -14.63 8.08 -28.03
CA GLU B 90 -15.27 9.02 -27.12
C GLU B 90 -16.42 8.41 -26.33
N ASP B 91 -16.90 7.22 -26.72
CA ASP B 91 -17.98 6.56 -26.02
C ASP B 91 -17.50 5.69 -24.86
N THR B 92 -16.19 5.49 -24.72
CA THR B 92 -15.65 4.67 -23.65
C THR B 92 -16.03 5.24 -22.29
N ALA B 93 -16.69 4.43 -21.47
CA ALA B 93 -17.18 4.89 -20.18
C ALA B 93 -17.76 3.69 -19.42
N VAL B 94 -17.99 3.91 -18.13
CA VAL B 94 -18.87 3.04 -17.35
C VAL B 94 -20.31 3.50 -17.58
N TYR B 95 -21.18 2.58 -17.95
CA TYR B 95 -22.56 2.91 -18.25
C TYR B 95 -23.45 2.49 -17.08
N TYR B 96 -24.17 3.46 -16.51
CA TYR B 96 -25.09 3.23 -15.41
C TYR B 96 -26.53 3.30 -15.93
N CYS B 97 -27.39 2.45 -15.39
CA CYS B 97 -28.82 2.65 -15.50
C CYS B 97 -29.35 3.22 -14.18
N ALA B 98 -30.37 4.05 -14.27
CA ALA B 98 -30.91 4.73 -13.09
C ALA B 98 -32.41 4.83 -13.20
N LYS B 99 -33.09 4.53 -12.10
CA LYS B 99 -34.54 4.60 -12.05
C LYS B 99 -34.98 6.05 -11.82
N ASP B 100 -35.99 6.48 -12.56
CA ASP B 100 -36.63 7.76 -12.33
C ASP B 100 -37.62 7.63 -11.16
N LYS B 101 -37.68 8.67 -10.33
CA LYS B 101 -38.48 8.58 -9.12
C LYS B 101 -39.98 8.58 -9.39
N ARG B 102 -40.42 9.26 -10.44
CA ARG B 102 -41.84 9.62 -10.55
C ARG B 102 -42.71 8.46 -11.00
N PHE B 103 -43.88 8.36 -10.37
CA PHE B 103 -44.84 7.28 -10.60
C PHE B 103 -45.66 7.54 -11.85
N ILE B 104 -45.73 6.52 -12.73
CA ILE B 104 -46.51 6.49 -13.96
C ILE B 104 -46.72 7.88 -14.56
N THR B 105 -45.73 8.34 -15.31
CA THR B 105 -45.80 9.64 -15.95
C THR B 105 -44.94 9.63 -17.20
N MET B 106 -45.31 10.44 -18.18
CA MET B 106 -44.53 10.56 -19.40
C MET B 106 -43.63 11.79 -19.39
N ILE B 107 -43.66 12.56 -18.32
CA ILE B 107 -42.67 13.60 -18.07
C ILE B 107 -41.48 12.95 -17.35
N LEU B 108 -40.29 13.08 -17.91
CA LEU B 108 -39.07 12.54 -17.33
C LEU B 108 -38.15 13.71 -17.02
N VAL B 109 -38.37 14.31 -15.86
CA VAL B 109 -37.56 15.43 -15.39
C VAL B 109 -36.61 15.03 -14.28
N GLY B 110 -36.68 13.79 -13.81
CA GLY B 110 -35.91 13.35 -12.68
C GLY B 110 -36.77 13.33 -11.43
N PRO B 111 -36.17 13.07 -10.28
CA PRO B 111 -34.73 12.80 -10.11
C PRO B 111 -34.34 11.35 -10.38
N PHE B 112 -33.04 11.10 -10.50
CA PHE B 112 -32.51 9.75 -10.53
C PHE B 112 -32.54 9.17 -9.13
N ASP B 113 -33.30 8.10 -8.96
CA ASP B 113 -33.67 7.55 -7.67
C ASP B 113 -32.70 6.50 -7.15
N TYR B 114 -32.35 5.54 -8.00
CA TYR B 114 -31.44 4.46 -7.63
C TYR B 114 -30.50 4.21 -8.80
N TRP B 115 -29.32 3.67 -8.50
CA TRP B 115 -28.31 3.43 -9.51
C TRP B 115 -27.82 2.00 -9.41
N GLY B 116 -27.49 1.43 -10.56
CA GLY B 116 -26.75 0.19 -10.58
C GLY B 116 -25.28 0.46 -10.34
N GLN B 117 -24.49 -0.59 -10.39
CA GLN B 117 -23.06 -0.43 -10.17
C GLN B 117 -22.27 -0.24 -11.46
N GLY B 118 -22.94 -0.33 -12.62
CA GLY B 118 -22.34 0.08 -13.88
C GLY B 118 -21.68 -1.07 -14.62
N THR B 119 -21.52 -0.86 -15.93
CA THR B 119 -20.81 -1.80 -16.80
C THR B 119 -19.85 -1.01 -17.68
N LEU B 120 -18.61 -1.49 -17.77
CA LEU B 120 -17.57 -0.80 -18.52
C LEU B 120 -17.63 -1.16 -20.00
N VAL B 121 -17.66 -0.13 -20.85
CA VAL B 121 -17.56 -0.30 -22.29
C VAL B 121 -16.33 0.46 -22.76
N THR B 122 -15.35 -0.26 -23.28
CA THR B 122 -14.11 0.33 -23.77
C THR B 122 -14.03 0.12 -25.28
N VAL B 123 -14.08 1.22 -26.02
CA VAL B 123 -14.09 1.20 -27.48
C VAL B 123 -12.67 1.44 -27.97
N SER B 124 -12.00 0.37 -28.38
CA SER B 124 -10.63 0.49 -28.89
C SER B 124 -10.39 -0.55 -29.99
N SER B 125 -9.76 -0.10 -31.07
CA SER B 125 -9.34 -0.98 -32.15
C SER B 125 -7.94 -1.56 -31.92
N ALA B 126 -7.35 -1.32 -30.76
CA ALA B 126 -5.96 -1.68 -30.53
C ALA B 126 -5.81 -3.14 -30.13
N SER B 127 -4.65 -3.70 -30.43
CA SER B 127 -4.27 -5.05 -30.02
C SER B 127 -3.08 -4.96 -29.07
N THR B 128 -2.71 -6.12 -28.52
CA THR B 128 -1.58 -6.22 -27.60
C THR B 128 -0.33 -5.57 -28.20
N LYS B 129 0.20 -4.57 -27.52
CA LYS B 129 1.34 -3.81 -28.01
C LYS B 129 2.23 -3.40 -26.85
N GLY B 130 3.52 -3.72 -26.97
CA GLY B 130 4.50 -3.28 -25.99
C GLY B 130 4.72 -1.79 -26.02
N PRO B 131 5.26 -1.24 -24.93
CA PRO B 131 5.44 0.21 -24.84
C PRO B 131 6.77 0.70 -25.38
N SER B 132 6.75 1.95 -25.83
CA SER B 132 7.97 2.71 -26.12
C SER B 132 8.26 3.63 -24.93
N VAL B 133 9.51 3.66 -24.50
CA VAL B 133 9.92 4.38 -23.30
C VAL B 133 10.86 5.50 -23.70
N PHE B 134 10.53 6.73 -23.31
CA PHE B 134 11.34 7.89 -23.61
C PHE B 134 11.80 8.57 -22.33
N PRO B 135 12.98 9.18 -22.31
CA PRO B 135 13.49 9.78 -21.08
C PRO B 135 12.92 11.17 -20.83
N LEU B 136 12.73 11.49 -19.56
CA LEU B 136 12.39 12.83 -19.10
C LEU B 136 13.60 13.33 -18.29
N ALA B 137 14.52 13.99 -18.96
CA ALA B 137 15.84 14.30 -18.43
C ALA B 137 15.83 15.53 -17.51
N PRO B 138 16.75 15.58 -16.55
CA PRO B 138 16.88 16.77 -15.70
C PRO B 138 17.56 17.92 -16.44
N SER B 139 17.12 19.14 -16.12
CA SER B 139 17.63 20.30 -16.85
C SER B 139 17.74 21.56 -15.99
N SER B 140 16.64 22.29 -15.90
CA SER B 140 16.51 23.48 -15.05
C SER B 140 17.11 23.29 -13.66
N GLY B 146 20.45 21.16 -4.24
CA GLY B 146 19.29 21.26 -5.09
C GLY B 146 18.65 19.93 -5.41
N THR B 147 17.35 19.95 -5.72
CA THR B 147 16.61 18.78 -6.10
C THR B 147 16.27 18.83 -7.58
N ALA B 148 16.26 17.67 -8.22
CA ALA B 148 15.92 17.57 -9.63
C ALA B 148 14.93 16.45 -9.85
N ALA B 149 13.98 16.70 -10.75
CA ALA B 149 12.97 15.71 -11.12
C ALA B 149 13.43 15.00 -12.38
N LEU B 150 13.41 13.67 -12.34
CA LEU B 150 13.66 12.90 -13.54
C LEU B 150 12.54 11.87 -13.72
N GLY B 151 12.46 11.32 -14.91
CA GLY B 151 11.34 10.47 -15.26
C GLY B 151 11.60 9.76 -16.57
N CYS B 152 10.71 8.84 -16.89
CA CYS B 152 10.65 8.26 -18.22
C CYS B 152 9.18 8.16 -18.63
N LEU B 153 8.91 8.45 -19.90
CA LEU B 153 7.56 8.48 -20.44
C LEU B 153 7.29 7.14 -21.13
N VAL B 154 6.31 6.41 -20.62
CA VAL B 154 5.96 5.08 -21.12
C VAL B 154 4.75 5.25 -22.04
N LYS B 155 4.98 5.12 -23.34
CA LYS B 155 4.02 5.56 -24.35
C LYS B 155 3.49 4.41 -25.19
N ASP B 156 2.21 4.48 -25.52
CA ASP B 156 1.59 3.71 -26.60
C ASP B 156 1.67 2.20 -26.37
N TYR B 157 1.08 1.75 -25.26
CA TYR B 157 0.97 0.33 -24.98
C TYR B 157 -0.49 -0.07 -24.79
N PHE B 158 -0.72 -1.38 -24.82
CA PHE B 158 -2.04 -1.99 -24.69
C PHE B 158 -1.92 -3.47 -24.43
N PRO B 159 -2.66 -4.03 -23.47
CA PRO B 159 -3.51 -3.24 -22.57
C PRO B 159 -2.80 -2.91 -21.28
N GLU B 160 -3.55 -2.46 -20.27
CA GLU B 160 -3.01 -2.33 -18.94
C GLU B 160 -2.74 -3.72 -18.35
N PRO B 161 -1.86 -3.84 -17.36
CA PRO B 161 -1.08 -2.76 -16.73
C PRO B 161 0.38 -2.74 -17.13
N VAL B 162 1.02 -1.60 -16.86
CA VAL B 162 2.47 -1.48 -16.92
C VAL B 162 2.94 -1.12 -15.52
N THR B 163 4.00 -1.78 -15.06
CA THR B 163 4.60 -1.48 -13.77
C THR B 163 6.03 -0.99 -13.99
N VAL B 164 6.45 -0.03 -13.17
CA VAL B 164 7.73 0.65 -13.35
C VAL B 164 8.47 0.64 -12.03
N SER B 165 9.77 0.34 -12.08
CA SER B 165 10.67 0.49 -10.95
C SER B 165 11.89 1.28 -11.40
N TRP B 166 12.73 1.67 -10.44
CA TRP B 166 13.92 2.43 -10.73
C TRP B 166 15.14 1.73 -10.16
N ASN B 167 16.23 1.73 -10.93
CA ASN B 167 17.48 1.06 -10.58
C ASN B 167 17.22 -0.36 -10.07
N SER B 168 16.41 -1.10 -10.82
CA SER B 168 16.06 -2.48 -10.52
C SER B 168 15.44 -2.62 -9.12
N GLY B 169 14.81 -1.55 -8.63
CA GLY B 169 14.17 -1.55 -7.34
C GLY B 169 14.96 -0.90 -6.23
N ALA B 170 16.25 -0.61 -6.45
CA ALA B 170 17.08 -0.02 -5.40
C ALA B 170 16.63 1.40 -5.04
N LEU B 171 16.03 2.11 -5.99
CA LEU B 171 15.62 3.50 -5.78
C LEU B 171 14.12 3.54 -5.55
N THR B 172 13.73 3.87 -4.32
CA THR B 172 12.33 3.94 -3.92
C THR B 172 11.92 5.29 -3.36
N SER B 173 12.84 6.01 -2.72
CA SER B 173 12.52 7.29 -2.12
C SER B 173 12.29 8.34 -3.20
N GLY B 174 11.13 8.99 -3.17
CA GLY B 174 10.81 10.03 -4.11
C GLY B 174 10.21 9.58 -5.42
N VAL B 175 9.94 8.28 -5.57
CA VAL B 175 9.42 7.74 -6.81
C VAL B 175 7.90 7.79 -6.79
N HIS B 176 7.29 8.28 -7.86
CA HIS B 176 5.86 8.18 -8.06
C HIS B 176 5.59 7.81 -9.50
N THR B 177 4.79 6.76 -9.69
CA THR B 177 4.33 6.35 -11.02
C THR B 177 2.87 6.72 -11.14
N PHE B 178 2.53 7.46 -12.20
CA PHE B 178 1.21 8.03 -12.33
C PHE B 178 0.22 7.04 -12.94
N PRO B 179 -1.07 7.27 -12.75
CA PRO B 179 -2.07 6.47 -13.47
C PRO B 179 -1.95 6.68 -14.96
N ALA B 180 -2.47 5.72 -15.71
CA ALA B 180 -2.36 5.76 -17.16
C ALA B 180 -3.36 6.73 -17.76
N VAL B 181 -3.02 7.22 -18.96
CA VAL B 181 -3.90 8.03 -19.77
C VAL B 181 -4.29 7.22 -20.99
N LEU B 182 -5.56 7.33 -21.40
CA LEU B 182 -6.05 6.66 -22.60
C LEU B 182 -6.19 7.70 -23.71
N GLN B 183 -5.40 7.54 -24.77
CA GLN B 183 -5.36 8.49 -25.86
C GLN B 183 -6.42 8.18 -26.91
N SER B 184 -6.63 9.16 -27.80
CA SER B 184 -7.49 8.99 -28.97
C SER B 184 -7.23 7.66 -29.69
N SER B 185 -5.96 7.33 -29.93
CA SER B 185 -5.59 6.12 -30.65
C SER B 185 -6.04 4.85 -29.95
N GLY B 186 -6.47 4.92 -28.70
CA GLY B 186 -6.84 3.74 -27.94
C GLY B 186 -5.71 3.08 -27.20
N LEU B 187 -4.52 3.69 -27.17
CA LEU B 187 -3.37 3.17 -26.47
C LEU B 187 -3.15 3.95 -25.18
N TYR B 188 -2.54 3.28 -24.20
CA TYR B 188 -2.28 3.88 -22.90
C TYR B 188 -0.90 4.52 -22.85
N SER B 189 -0.76 5.52 -21.99
CA SER B 189 0.53 6.14 -21.69
C SER B 189 0.56 6.54 -20.22
N LEU B 190 1.76 6.55 -19.64
CA LEU B 190 1.95 7.03 -18.29
C LEU B 190 3.35 7.59 -18.13
N SER B 191 3.59 8.19 -16.98
CA SER B 191 4.91 8.69 -16.61
C SER B 191 5.25 8.17 -15.22
N SER B 192 6.54 7.93 -15.00
CA SER B 192 7.05 7.65 -13.68
C SER B 192 8.11 8.70 -13.34
N VAL B 193 8.08 9.19 -12.11
CA VAL B 193 8.88 10.33 -11.69
C VAL B 193 9.69 9.96 -10.45
N VAL B 194 10.87 10.55 -10.34
CA VAL B 194 11.64 10.48 -9.12
C VAL B 194 12.46 11.76 -8.99
N THR B 195 12.45 12.33 -7.79
CA THR B 195 13.32 13.44 -7.39
C THR B 195 14.60 12.99 -6.71
N VAL B 196 15.68 13.63 -7.15
CA VAL B 196 17.06 13.23 -6.93
C VAL B 196 17.81 14.44 -6.40
N PRO B 197 18.88 14.26 -5.63
CA PRO B 197 19.78 15.40 -5.35
C PRO B 197 20.54 15.75 -6.62
N SER B 198 20.56 17.05 -6.96
CA SER B 198 21.22 17.48 -8.18
C SER B 198 22.70 17.13 -8.19
N SER B 199 23.33 17.11 -7.01
CA SER B 199 24.76 16.80 -6.94
C SER B 199 25.10 15.41 -7.46
N SER B 200 24.14 14.48 -7.44
CA SER B 200 24.38 13.12 -7.92
C SER B 200 24.21 12.95 -9.42
N LEU B 201 23.69 13.96 -10.13
CA LEU B 201 23.36 13.79 -11.54
C LEU B 201 24.59 13.44 -12.38
N GLY B 202 25.74 14.02 -12.04
CA GLY B 202 26.95 13.73 -12.79
C GLY B 202 27.57 12.38 -12.50
N THR B 203 27.20 11.75 -11.39
CA THR B 203 27.87 10.52 -10.95
C THR B 203 26.96 9.30 -10.92
N GLN B 204 25.72 9.43 -10.46
CA GLN B 204 24.85 8.27 -10.27
C GLN B 204 24.03 7.98 -11.51
N THR B 205 23.93 6.69 -11.85
CA THR B 205 23.16 6.22 -12.98
C THR B 205 21.70 6.01 -12.59
N TYR B 206 20.79 6.47 -13.44
CA TYR B 206 19.36 6.33 -13.21
C TYR B 206 18.72 5.60 -14.37
N ILE B 207 18.06 4.48 -14.07
CA ILE B 207 17.43 3.61 -15.06
C ILE B 207 16.05 3.22 -14.55
N CYS B 208 15.01 3.48 -15.34
CA CYS B 208 13.68 3.00 -14.99
C CYS B 208 13.41 1.66 -15.67
N ASN B 209 12.82 0.75 -14.91
CA ASN B 209 12.54 -0.60 -15.39
C ASN B 209 11.05 -0.72 -15.65
N VAL B 210 10.69 -0.94 -16.91
CA VAL B 210 9.30 -0.95 -17.34
C VAL B 210 8.92 -2.38 -17.70
N ASN B 211 7.89 -2.90 -17.03
CA ASN B 211 7.37 -4.23 -17.28
C ASN B 211 5.98 -4.13 -17.89
N HIS B 212 5.78 -4.84 -19.00
CA HIS B 212 4.48 -4.96 -19.66
C HIS B 212 4.27 -6.45 -19.95
N LYS B 213 3.82 -7.18 -18.94
CA LYS B 213 3.63 -8.62 -19.08
C LYS B 213 2.63 -8.98 -20.19
N PRO B 214 1.52 -8.24 -20.42
CA PRO B 214 0.60 -8.66 -21.50
C PRO B 214 1.28 -8.81 -22.85
N SER B 215 2.35 -8.07 -23.12
CA SER B 215 3.13 -8.26 -24.35
C SER B 215 4.44 -8.99 -24.09
N ASN B 216 4.68 -9.43 -22.86
CA ASN B 216 5.91 -10.11 -22.47
C ASN B 216 7.14 -9.28 -22.84
N THR B 217 7.08 -7.99 -22.52
CA THR B 217 8.12 -7.04 -22.86
C THR B 217 8.61 -6.37 -21.59
N LYS B 218 9.92 -6.39 -21.36
CA LYS B 218 10.56 -5.61 -20.32
C LYS B 218 11.55 -4.64 -20.96
N VAL B 219 11.50 -3.38 -20.51
CA VAL B 219 12.36 -2.33 -21.07
C VAL B 219 13.10 -1.66 -19.92
N ASP B 220 14.42 -1.52 -20.07
CA ASP B 220 15.24 -0.73 -19.17
C ASP B 220 15.76 0.47 -19.96
N LYS B 221 15.46 1.67 -19.47
CA LYS B 221 15.82 2.91 -20.15
C LYS B 221 16.72 3.73 -19.24
N ARG B 222 17.90 4.05 -19.73
CA ARG B 222 18.84 4.92 -19.01
C ARG B 222 18.44 6.37 -19.22
N VAL B 223 18.38 7.14 -18.14
CA VAL B 223 18.01 8.55 -18.17
C VAL B 223 19.24 9.37 -17.78
N GLU B 224 19.79 10.10 -18.75
CA GLU B 224 20.98 10.92 -18.54
C GLU B 224 20.67 12.40 -18.73
N PRO B 225 21.48 13.28 -18.16
CA PRO B 225 21.27 14.73 -18.34
C PRO B 225 21.38 15.18 -19.79
N LYS B 226 20.64 16.24 -20.10
CA LYS B 226 20.51 16.75 -21.47
C LYS B 226 21.78 17.47 -21.93
N SER B 227 22.05 17.38 -23.23
CA SER B 227 22.92 18.34 -23.91
C SER B 227 22.21 19.68 -24.05
N CYS B 228 22.86 20.74 -23.57
CA CYS B 228 22.31 22.09 -23.73
C CYS B 228 23.09 22.88 -24.77
N GLN C 2 7.64 3.48 0.99
CA GLN C 2 8.47 4.39 1.78
C GLN C 2 9.76 3.69 2.24
N SER C 3 10.86 4.44 2.20
CA SER C 3 12.14 3.90 2.60
C SER C 3 12.11 3.48 4.08
N VAL C 4 12.73 2.35 4.36
CA VAL C 4 13.07 1.96 5.72
C VAL C 4 14.57 2.17 5.88
N LEU C 5 14.99 2.31 7.13
CA LEU C 5 16.36 2.73 7.44
C LEU C 5 17.28 1.52 7.50
N THR C 6 18.37 1.57 6.73
CA THR C 6 19.27 0.44 6.59
C THR C 6 20.30 0.45 7.72
N GLN C 7 20.37 -0.65 8.46
CA GLN C 7 21.38 -0.90 9.47
C GLN C 7 22.13 -2.17 9.14
N PRO C 8 23.38 -2.30 9.57
CA PRO C 8 24.05 -3.60 9.48
C PRO C 8 23.32 -4.63 10.33
N ALA C 9 23.31 -5.87 9.86
CA ALA C 9 22.64 -6.93 10.62
C ALA C 9 23.41 -7.30 11.88
N SER C 10 24.74 -7.14 11.89
CA SER C 10 25.55 -7.62 12.99
C SER C 10 26.79 -6.74 13.16
N VAL C 11 27.07 -6.34 14.39
CA VAL C 11 28.34 -5.70 14.75
C VAL C 11 28.82 -6.33 16.05
N SER C 12 30.10 -6.67 16.11
CA SER C 12 30.64 -7.29 17.32
C SER C 12 31.98 -6.68 17.67
N GLY C 13 32.31 -6.76 18.95
CA GLY C 13 33.60 -6.32 19.46
C GLY C 13 33.86 -6.99 20.78
N SER C 14 35.14 -7.05 21.14
CA SER C 14 35.51 -7.61 22.42
C SER C 14 35.17 -6.62 23.53
N PRO C 15 34.98 -7.10 24.76
CA PRO C 15 34.67 -6.19 25.87
C PRO C 15 35.75 -5.12 26.02
N GLY C 16 35.31 -3.91 26.35
CA GLY C 16 36.20 -2.78 26.45
C GLY C 16 36.47 -2.04 25.15
N GLN C 17 36.12 -2.64 24.01
CA GLN C 17 36.38 -2.02 22.72
C GLN C 17 35.23 -1.08 22.33
N SER C 18 35.45 -0.30 21.28
CA SER C 18 34.50 0.67 20.79
C SER C 18 33.95 0.22 19.44
N ILE C 19 32.62 0.22 19.31
CA ILE C 19 31.95 -0.17 18.07
C ILE C 19 31.04 0.97 17.61
N THR C 20 30.70 0.95 16.33
CA THR C 20 29.86 1.95 15.71
C THR C 20 28.77 1.27 14.87
N ILE C 21 27.52 1.71 15.04
CA ILE C 21 26.40 1.22 14.24
C ILE C 21 25.93 2.36 13.36
N SER C 22 25.84 2.11 12.05
CA SER C 22 25.40 3.11 11.10
C SER C 22 23.91 2.95 10.80
N CYS C 23 23.26 4.07 10.53
CA CYS C 23 21.84 4.10 10.17
C CYS C 23 21.67 4.99 8.94
N THR C 24 21.37 4.38 7.80
CA THR C 24 21.35 5.08 6.51
C THR C 24 19.91 5.29 6.06
N GLY C 25 19.53 6.55 5.91
CA GLY C 25 18.20 6.89 5.41
C GLY C 25 18.27 7.73 4.15
N THR C 26 17.42 8.75 4.06
CA THR C 26 17.37 9.64 2.91
C THR C 26 17.33 11.08 3.41
N SER C 27 17.37 12.01 2.44
CA SER C 27 17.19 13.43 2.76
C SER C 27 15.81 13.72 3.32
N SER C 28 14.87 12.80 3.16
CA SER C 28 13.55 12.92 3.76
C SER C 28 13.51 12.39 5.19
N ASP C 29 14.48 11.56 5.58
CA ASP C 29 14.46 10.88 6.86
C ASP C 29 15.60 11.39 7.70
N VAL C 30 16.69 10.64 7.81
CA VAL C 30 17.85 11.02 8.63
C VAL C 30 18.43 12.35 8.15
N GLY C 31 18.46 12.56 6.82
CA GLY C 31 19.06 13.77 6.28
C GLY C 31 18.24 15.03 6.41
N GLY C 32 16.92 14.89 6.59
CA GLY C 32 16.04 16.05 6.59
C GLY C 32 15.84 16.69 7.94
N TYR C 33 16.02 15.92 9.02
CA TYR C 33 15.71 16.40 10.35
C TYR C 33 16.79 15.96 11.32
N ASN C 34 16.82 16.63 12.47
CA ASN C 34 17.65 16.24 13.60
C ASN C 34 16.85 15.44 14.63
N TYR C 35 15.99 14.54 14.15
CA TYR C 35 15.12 13.77 15.03
C TYR C 35 15.41 12.28 14.91
N VAL C 36 16.68 11.91 15.02
CA VAL C 36 17.10 10.51 14.97
C VAL C 36 17.23 10.00 16.40
N SER C 37 16.68 8.83 16.65
CA SER C 37 16.78 8.19 17.95
C SER C 37 17.43 6.83 17.81
N TRP C 38 17.94 6.33 18.93
CA TRP C 38 18.49 4.98 19.00
C TRP C 38 17.86 4.25 20.18
N HIS C 39 17.46 3.01 19.96
CA HIS C 39 16.76 2.22 20.96
C HIS C 39 17.46 0.90 21.19
N GLN C 40 17.53 0.48 22.44
CA GLN C 40 18.17 -0.76 22.83
C GLN C 40 17.09 -1.74 23.30
N GLN C 41 17.17 -2.99 22.84
CA GLN C 41 16.20 -4.01 23.22
C GLN C 41 16.93 -5.30 23.57
N HIS C 42 16.83 -5.71 24.83
CA HIS C 42 17.34 -7.00 25.27
C HIS C 42 16.31 -8.10 24.99
N PRO C 43 16.74 -9.35 24.93
CA PRO C 43 15.81 -10.44 24.63
C PRO C 43 14.61 -10.48 25.58
N GLY C 44 13.41 -10.60 24.99
CA GLY C 44 12.19 -10.74 25.73
C GLY C 44 11.82 -9.54 26.57
N LYS C 45 12.33 -8.36 26.22
CA LYS C 45 12.09 -7.14 26.97
C LYS C 45 11.70 -6.02 26.01
N ALA C 46 11.23 -4.92 26.58
CA ALA C 46 10.78 -3.82 25.76
C ALA C 46 11.96 -2.90 25.43
N PRO C 47 11.90 -2.20 24.31
CA PRO C 47 13.00 -1.27 23.98
C PRO C 47 13.18 -0.21 25.04
N LYS C 48 14.35 0.43 25.00
CA LYS C 48 14.67 1.52 25.91
C LYS C 48 15.46 2.57 25.15
N LEU C 49 15.11 3.85 25.34
CA LEU C 49 15.72 4.92 24.58
C LEU C 49 17.16 5.14 25.03
N MET C 50 18.08 5.16 24.08
CA MET C 50 19.51 5.38 24.34
C MET C 50 19.95 6.78 23.94
N ILE C 51 19.56 7.21 22.74
CA ILE C 51 19.98 8.49 22.18
C ILE C 51 18.76 9.10 21.51
N TYR C 52 18.59 10.41 21.67
CA TYR C 52 17.50 11.11 21.00
C TYR C 52 18.01 12.41 20.41
N ASP C 53 17.29 12.90 19.41
CA ASP C 53 17.66 14.12 18.68
C ASP C 53 19.13 14.06 18.25
N VAL C 54 19.46 12.96 17.56
CA VAL C 54 20.76 12.68 16.97
C VAL C 54 21.82 12.35 18.03
N SER C 55 21.90 13.15 19.10
CA SER C 55 23.04 13.03 20.00
C SER C 55 22.74 13.25 21.48
N ASN C 56 21.48 13.41 21.87
CA ASN C 56 21.16 13.63 23.27
C ASN C 56 21.00 12.31 24.01
N ARG C 57 21.42 12.29 25.28
CA ARG C 57 21.30 11.11 26.12
C ARG C 57 20.29 11.37 27.24
N PRO C 58 19.32 10.48 27.43
CA PRO C 58 18.50 10.54 28.65
C PRO C 58 19.36 10.34 29.89
N SER C 59 18.97 10.99 30.97
CA SER C 59 19.64 10.77 32.25
C SER C 59 19.43 9.33 32.68
N GLY C 60 20.50 8.72 33.18
CA GLY C 60 20.49 7.32 33.53
C GLY C 60 21.05 6.41 32.45
N VAL C 61 21.26 6.94 31.25
CA VAL C 61 21.91 6.20 30.17
C VAL C 61 23.41 6.49 30.23
N SER C 62 24.21 5.43 30.27
CA SER C 62 25.66 5.58 30.37
C SER C 62 26.22 6.47 29.28
N ASN C 63 27.23 7.26 29.62
CA ASN C 63 27.88 8.13 28.66
C ASN C 63 28.83 7.40 27.72
N ARG C 64 28.91 6.07 27.80
CA ARG C 64 29.61 5.32 26.77
C ARG C 64 28.83 5.26 25.46
N PHE C 65 27.54 5.55 25.49
CA PHE C 65 26.73 5.63 24.28
C PHE C 65 26.76 7.04 23.73
N SER C 66 26.92 7.17 22.42
CA SER C 66 27.02 8.46 21.77
C SER C 66 26.45 8.37 20.37
N GLY C 67 25.83 9.47 19.93
CA GLY C 67 25.19 9.51 18.63
C GLY C 67 25.69 10.69 17.81
N SER C 68 25.71 10.49 16.50
CA SER C 68 26.14 11.53 15.57
C SER C 68 25.45 11.31 14.24
N LYS C 69 25.57 12.30 13.35
CA LYS C 69 24.92 12.25 12.06
C LYS C 69 25.79 12.95 11.03
N SER C 70 25.80 12.41 9.81
CA SER C 70 26.56 13.00 8.71
C SER C 70 25.82 12.69 7.41
N GLY C 71 25.28 13.73 6.78
CA GLY C 71 24.48 13.51 5.59
C GLY C 71 23.24 12.73 5.92
N ASN C 72 23.03 11.63 5.21
CA ASN C 72 21.87 10.77 5.41
C ASN C 72 22.17 9.56 6.29
N THR C 73 23.32 9.56 6.98
CA THR C 73 23.73 8.42 7.78
C THR C 73 23.91 8.84 9.24
N ALA C 74 23.14 8.23 10.13
CA ALA C 74 23.30 8.41 11.56
C ALA C 74 24.16 7.28 12.12
N SER C 75 24.88 7.58 13.20
CA SER C 75 25.81 6.63 13.78
C SER C 75 25.66 6.59 15.29
N LEU C 76 25.57 5.38 15.84
CA LEU C 76 25.59 5.15 17.28
C LEU C 76 26.95 4.56 17.65
N THR C 77 27.60 5.14 18.65
CA THR C 77 28.91 4.68 19.08
C THR C 77 28.85 4.22 20.53
N ILE C 78 29.29 2.99 20.77
CA ILE C 78 29.37 2.42 22.11
C ILE C 78 30.84 2.25 22.45
N SER C 79 31.34 3.07 23.37
CA SER C 79 32.71 2.93 23.85
C SER C 79 32.77 1.97 25.02
N GLY C 80 33.93 1.32 25.18
CA GLY C 80 34.15 0.42 26.29
C GLY C 80 33.05 -0.62 26.46
N LEU C 81 32.85 -1.43 25.42
CA LEU C 81 31.79 -2.44 25.41
C LEU C 81 31.76 -3.22 26.71
N GLN C 82 30.57 -3.31 27.31
CA GLN C 82 30.34 -4.14 28.47
C GLN C 82 29.31 -5.21 28.14
N THR C 83 29.34 -6.30 28.91
CA THR C 83 28.55 -7.47 28.57
C THR C 83 27.07 -7.16 28.51
N GLU C 84 26.59 -6.21 29.31
CA GLU C 84 25.17 -5.89 29.29
C GLU C 84 24.79 -5.01 28.09
N ASP C 85 25.76 -4.60 27.27
CA ASP C 85 25.47 -3.92 26.02
C ASP C 85 25.00 -4.88 24.92
N GLU C 86 25.17 -6.19 25.10
CA GLU C 86 24.70 -7.16 24.12
C GLU C 86 23.19 -7.08 23.97
N ALA C 87 22.71 -6.62 22.83
CA ALA C 87 21.29 -6.44 22.58
C ALA C 87 21.10 -6.07 21.12
N ASP C 88 19.85 -5.96 20.71
CA ASP C 88 19.50 -5.41 19.41
C ASP C 88 19.35 -3.89 19.54
N TYR C 89 19.83 -3.18 18.53
CA TYR C 89 19.76 -1.72 18.51
C TYR C 89 19.05 -1.27 17.24
N TYR C 90 18.11 -0.35 17.39
CA TYR C 90 17.31 0.18 16.29
C TYR C 90 17.46 1.69 16.24
N CYS C 91 17.76 2.22 15.06
CA CYS C 91 17.57 3.65 14.88
C CYS C 91 16.13 3.93 14.48
N SER C 92 15.74 5.19 14.61
CA SER C 92 14.41 5.62 14.23
C SER C 92 14.48 7.09 13.87
N SER C 93 13.54 7.52 13.01
CA SER C 93 13.56 8.89 12.55
C SER C 93 12.16 9.34 12.16
N TYR C 94 11.91 10.63 12.35
CA TYR C 94 10.79 11.30 11.71
C TYR C 94 11.06 11.40 10.22
N THR C 95 9.99 11.37 9.44
CA THR C 95 10.09 11.51 7.99
C THR C 95 9.22 12.67 7.53
N SER C 96 9.42 13.06 6.27
CA SER C 96 8.65 14.15 5.69
C SER C 96 7.25 13.71 5.28
N SER C 97 6.97 12.42 5.31
CA SER C 97 5.63 11.89 5.10
C SER C 97 4.79 11.94 6.37
N THR C 98 5.20 12.76 7.34
CA THR C 98 4.59 12.83 8.67
C THR C 98 4.35 11.43 9.26
N THR C 99 5.39 10.60 9.19
CA THR C 99 5.41 9.30 9.85
C THR C 99 6.66 9.17 10.68
N ASN C 100 6.83 8.01 11.30
CA ASN C 100 8.06 7.64 11.99
C ASN C 100 8.44 6.25 11.51
N VAL C 101 9.74 6.02 11.33
CA VAL C 101 10.22 4.76 10.78
C VAL C 101 11.41 4.28 11.61
N PHE C 102 11.48 2.96 11.80
CA PHE C 102 12.59 2.32 12.49
C PHE C 102 13.59 1.76 11.48
N GLY C 103 14.83 1.62 11.91
CA GLY C 103 15.82 0.92 11.12
C GLY C 103 15.58 -0.58 11.13
N THR C 104 16.34 -1.28 10.28
CA THR C 104 16.19 -2.72 10.18
C THR C 104 16.69 -3.45 11.43
N GLY C 105 17.53 -2.79 12.23
CA GLY C 105 18.00 -3.40 13.46
C GLY C 105 19.38 -4.03 13.34
N THR C 106 20.17 -3.91 14.41
CA THR C 106 21.52 -4.44 14.48
C THR C 106 21.68 -5.18 15.79
N LYS C 107 22.08 -6.45 15.71
CA LYS C 107 22.45 -7.17 16.93
C LYS C 107 23.91 -6.87 17.28
N VAL C 108 24.12 -6.36 18.49
CA VAL C 108 25.46 -6.11 19.00
C VAL C 108 25.88 -7.30 19.83
N THR C 109 27.02 -7.91 19.46
CA THR C 109 27.59 -9.03 20.19
C THR C 109 28.83 -8.56 20.92
N VAL C 110 28.89 -8.85 22.22
CA VAL C 110 30.09 -8.63 23.01
C VAL C 110 30.83 -9.96 23.09
N LEU C 111 31.94 -10.05 22.34
CA LEU C 111 32.61 -11.32 22.12
C LEU C 111 33.10 -11.95 23.42
N GLY C 112 32.57 -13.13 23.73
CA GLY C 112 32.97 -13.85 24.93
C GLY C 112 33.45 -15.25 24.61
N GLN C 113 33.64 -15.53 23.32
CA GLN C 113 34.15 -16.82 22.85
C GLN C 113 34.62 -16.63 21.41
N PRO C 114 35.41 -17.56 20.89
CA PRO C 114 35.90 -17.40 19.52
C PRO C 114 34.77 -17.51 18.51
N LYS C 115 34.94 -16.82 17.39
CA LYS C 115 33.96 -16.90 16.32
C LYS C 115 33.90 -18.31 15.77
N ALA C 116 32.71 -18.70 15.31
CA ALA C 116 32.49 -20.04 14.79
C ALA C 116 31.56 -19.96 13.59
N ALA C 117 31.97 -20.59 12.49
CA ALA C 117 31.19 -20.60 11.26
C ALA C 117 30.01 -21.56 11.38
N PRO C 118 28.89 -21.26 10.72
CA PRO C 118 27.71 -22.11 10.86
C PRO C 118 27.85 -23.46 10.18
N SER C 119 27.28 -24.48 10.80
CA SER C 119 27.03 -25.75 10.16
C SER C 119 25.60 -25.75 9.62
N VAL C 120 25.44 -26.17 8.38
CA VAL C 120 24.15 -26.08 7.69
C VAL C 120 23.75 -27.48 7.22
N THR C 121 22.57 -27.93 7.64
CA THR C 121 21.96 -29.15 7.14
C THR C 121 20.61 -28.81 6.52
N LEU C 122 20.42 -29.20 5.27
CA LEU C 122 19.19 -28.90 4.54
C LEU C 122 18.44 -30.21 4.31
N PHE C 123 17.24 -30.31 4.87
CA PHE C 123 16.43 -31.51 4.75
C PHE C 123 15.40 -31.33 3.64
N PRO C 124 15.36 -32.22 2.66
CA PRO C 124 14.26 -32.19 1.69
C PRO C 124 12.96 -32.62 2.35
N PRO C 125 11.83 -32.49 1.67
CA PRO C 125 10.57 -32.97 2.26
C PRO C 125 10.65 -34.47 2.52
N SER C 126 10.12 -34.88 3.67
CA SER C 126 10.04 -36.30 3.96
C SER C 126 8.96 -36.94 3.09
N SER C 127 9.16 -38.22 2.77
CA SER C 127 8.16 -38.94 1.99
C SER C 127 6.80 -38.92 2.68
N GLU C 128 6.79 -38.96 4.01
CA GLU C 128 5.52 -38.97 4.73
C GLU C 128 4.82 -37.62 4.65
N GLU C 129 5.56 -36.51 4.60
CA GLU C 129 4.91 -35.22 4.36
C GLU C 129 4.40 -35.13 2.92
N LEU C 130 5.17 -35.64 1.96
CA LEU C 130 4.72 -35.63 0.57
C LEU C 130 3.48 -36.50 0.40
N GLN C 131 3.39 -37.62 1.12
CA GLN C 131 2.17 -38.42 1.11
C GLN C 131 1.00 -37.65 1.70
N ALA C 132 1.27 -36.73 2.62
CA ALA C 132 0.25 -35.83 3.14
C ALA C 132 0.04 -34.60 2.26
N ASN C 133 0.55 -34.63 1.02
CA ASN C 133 0.36 -33.57 0.03
C ASN C 133 0.88 -32.21 0.51
N LYS C 134 2.03 -32.23 1.17
CA LYS C 134 2.75 -31.01 1.49
C LYS C 134 4.24 -31.26 1.33
N ALA C 135 4.99 -30.16 1.24
CA ALA C 135 6.43 -30.24 1.05
C ALA C 135 7.05 -29.04 1.74
N THR C 136 7.83 -29.30 2.79
CA THR C 136 8.53 -28.26 3.52
C THR C 136 10.02 -28.56 3.48
N LEU C 137 10.80 -27.58 3.05
CA LEU C 137 12.26 -27.67 3.12
C LEU C 137 12.73 -27.04 4.43
N VAL C 138 13.56 -27.78 5.17
CA VAL C 138 13.99 -27.37 6.50
C VAL C 138 15.50 -27.12 6.46
N CYS C 139 15.90 -25.88 6.63
CA CYS C 139 17.31 -25.50 6.68
C CYS C 139 17.67 -25.21 8.13
N LEU C 140 18.52 -26.04 8.71
CA LEU C 140 18.87 -25.94 10.12
C LEU C 140 20.33 -25.53 10.24
N ILE C 141 20.54 -24.42 10.94
CA ILE C 141 21.84 -23.75 11.04
C ILE C 141 22.29 -23.83 12.49
N SER C 142 23.51 -24.31 12.72
CA SER C 142 23.95 -24.59 14.08
C SER C 142 25.41 -24.21 14.28
N ASP C 143 25.79 -24.07 15.55
CA ASP C 143 27.18 -23.93 15.97
C ASP C 143 27.86 -22.69 15.38
N PHE C 144 27.16 -21.55 15.39
CA PHE C 144 27.78 -20.32 14.92
C PHE C 144 27.79 -19.26 16.03
N TYR C 145 28.75 -18.35 15.91
CA TYR C 145 28.92 -17.23 16.82
C TYR C 145 29.70 -16.14 16.10
N PRO C 146 29.25 -14.87 16.15
CA PRO C 146 28.06 -14.34 16.84
C PRO C 146 26.74 -14.93 16.32
N GLY C 147 25.70 -14.84 17.14
CA GLY C 147 24.40 -15.35 16.77
C GLY C 147 23.61 -14.41 15.89
N ALA C 148 24.08 -14.22 14.65
CA ALA C 148 23.40 -13.36 13.69
C ALA C 148 23.70 -13.87 12.29
N VAL C 149 22.67 -14.32 11.59
CA VAL C 149 22.79 -14.79 10.21
C VAL C 149 21.66 -14.18 9.39
N THR C 150 21.84 -14.21 8.07
CA THR C 150 20.77 -13.91 7.14
C THR C 150 20.64 -15.06 6.17
N VAL C 151 19.40 -15.48 5.89
CA VAL C 151 19.12 -16.68 5.12
C VAL C 151 18.45 -16.29 3.81
N ALA C 152 18.92 -16.87 2.71
CA ALA C 152 18.32 -16.71 1.40
C ALA C 152 18.07 -18.07 0.78
N TRP C 153 16.98 -18.18 0.04
CA TRP C 153 16.57 -19.41 -0.62
C TRP C 153 16.63 -19.23 -2.14
N LYS C 154 16.97 -20.31 -2.83
CA LYS C 154 17.01 -20.32 -4.28
C LYS C 154 16.32 -21.56 -4.82
N ALA C 155 15.50 -21.37 -5.86
CA ALA C 155 14.94 -22.47 -6.63
C ALA C 155 15.71 -22.55 -7.95
N ASP C 156 16.36 -23.70 -8.18
CA ASP C 156 17.38 -23.80 -9.23
C ASP C 156 18.43 -22.72 -9.00
N SER C 157 18.45 -21.70 -9.85
CA SER C 157 19.42 -20.63 -9.72
C SER C 157 18.79 -19.27 -9.44
N SER C 158 17.46 -19.18 -9.36
CA SER C 158 16.84 -17.89 -9.10
C SER C 158 16.35 -17.80 -7.65
N PRO C 159 16.47 -16.64 -7.01
CA PRO C 159 16.05 -16.52 -5.61
C PRO C 159 14.53 -16.62 -5.46
N VAL C 160 14.09 -17.06 -4.28
CA VAL C 160 12.68 -17.22 -3.95
C VAL C 160 12.44 -16.65 -2.57
N LYS C 161 11.44 -15.76 -2.41
CA LYS C 161 11.17 -15.38 -1.03
C LYS C 161 9.78 -15.81 -0.58
N ALA C 162 8.91 -16.23 -1.49
CA ALA C 162 7.56 -16.60 -1.11
C ALA C 162 7.61 -17.92 -0.36
N GLY C 163 6.95 -17.97 0.78
CA GLY C 163 6.87 -19.16 1.57
C GLY C 163 8.04 -19.39 2.51
N VAL C 164 8.86 -18.37 2.74
CA VAL C 164 10.05 -18.47 3.57
C VAL C 164 9.72 -17.95 4.96
N GLU C 165 10.07 -18.72 5.98
CA GLU C 165 9.96 -18.28 7.37
C GLU C 165 11.24 -18.69 8.10
N THR C 166 11.81 -17.75 8.85
CA THR C 166 13.10 -17.95 9.50
C THR C 166 13.01 -17.53 10.95
N THR C 167 13.47 -18.39 11.85
CA THR C 167 13.51 -18.02 13.26
C THR C 167 14.73 -17.15 13.55
N THR C 168 14.62 -16.37 14.61
CA THR C 168 15.78 -15.60 15.03
C THR C 168 16.69 -16.47 15.89
N PRO C 169 18.00 -16.40 15.67
CA PRO C 169 18.91 -17.37 16.31
C PRO C 169 18.85 -17.32 17.83
N SER C 170 18.98 -18.49 18.45
CA SER C 170 18.98 -18.60 19.90
C SER C 170 20.07 -19.57 20.32
N LYS C 171 20.47 -19.46 21.59
CA LYS C 171 21.64 -20.16 22.10
C LYS C 171 21.38 -21.66 22.21
N GLN C 172 22.42 -22.45 21.88
CA GLN C 172 22.37 -23.90 22.05
C GLN C 172 22.90 -24.28 23.43
N SER C 173 22.88 -25.59 23.72
CA SER C 173 23.47 -26.10 24.95
C SER C 173 24.94 -25.73 25.07
N ASN C 174 25.69 -25.84 23.97
CA ASN C 174 27.11 -25.53 23.98
C ASN C 174 27.39 -24.04 23.82
N ASN C 175 26.37 -23.22 24.10
CA ASN C 175 26.42 -21.76 24.09
C ASN C 175 26.91 -21.19 22.76
N LYS C 176 26.77 -21.95 21.69
CA LYS C 176 26.80 -21.39 20.35
C LYS C 176 25.35 -21.18 19.90
N TYR C 177 25.16 -20.60 18.72
CA TYR C 177 23.83 -20.23 18.29
C TYR C 177 23.33 -21.14 17.17
N ALA C 178 22.00 -21.22 17.06
CA ALA C 178 21.34 -22.01 16.04
C ALA C 178 20.13 -21.25 15.51
N ALA C 179 19.79 -21.49 14.24
CA ALA C 179 18.63 -20.87 13.63
C ALA C 179 18.02 -21.85 12.64
N SER C 180 16.77 -21.57 12.24
CA SER C 180 16.03 -22.44 11.35
C SER C 180 15.29 -21.62 10.31
N SER C 181 15.24 -22.13 9.08
CA SER C 181 14.52 -21.51 7.99
C SER C 181 13.72 -22.57 7.24
N TYR C 182 12.50 -22.20 6.83
CA TYR C 182 11.59 -23.12 6.14
C TYR C 182 11.22 -22.56 4.78
N LEU C 183 11.20 -23.43 3.78
CA LEU C 183 10.63 -23.14 2.48
C LEU C 183 9.43 -24.06 2.27
N SER C 184 8.23 -23.50 2.33
CA SER C 184 7.02 -24.27 2.16
C SER C 184 6.61 -24.28 0.69
N LEU C 185 6.37 -25.48 0.16
CA LEU C 185 5.99 -25.62 -1.24
C LEU C 185 4.93 -26.69 -1.37
N THR C 186 4.33 -26.73 -2.55
CA THR C 186 3.46 -27.84 -2.91
C THR C 186 4.32 -29.00 -3.40
N PRO C 187 3.81 -30.23 -3.34
CA PRO C 187 4.58 -31.35 -3.91
C PRO C 187 4.86 -31.17 -5.39
N GLU C 188 3.97 -30.48 -6.11
CA GLU C 188 4.20 -30.18 -7.52
C GLU C 188 5.38 -29.23 -7.68
N GLN C 189 5.38 -28.11 -6.95
CA GLN C 189 6.51 -27.19 -6.96
C GLN C 189 7.82 -27.92 -6.67
N TRP C 190 7.81 -28.79 -5.64
CA TRP C 190 9.01 -29.51 -5.26
C TRP C 190 9.54 -30.36 -6.40
N LYS C 191 8.67 -31.13 -7.05
CA LYS C 191 9.10 -32.03 -8.11
C LYS C 191 9.37 -31.31 -9.43
N SER C 192 8.90 -30.06 -9.57
CA SER C 192 9.01 -29.35 -10.84
C SER C 192 10.36 -28.66 -11.04
N HIS C 193 11.24 -28.67 -10.05
CA HIS C 193 12.54 -28.01 -10.18
C HIS C 193 13.67 -29.03 -10.08
N ARG C 194 14.85 -28.61 -10.51
CA ARG C 194 16.01 -29.49 -10.46
C ARG C 194 16.67 -29.47 -9.10
N SER C 195 16.68 -28.32 -8.41
CA SER C 195 17.32 -28.24 -7.11
C SER C 195 16.83 -27.00 -6.38
N TYR C 196 16.94 -27.05 -5.06
CA TYR C 196 16.70 -25.91 -4.19
C TYR C 196 17.93 -25.70 -3.32
N SER C 197 18.15 -24.45 -2.90
CA SER C 197 19.34 -24.11 -2.14
C SER C 197 19.00 -23.21 -0.97
N CYS C 198 19.65 -23.47 0.16
CA CYS C 198 19.62 -22.62 1.33
C CYS C 198 20.98 -21.94 1.49
N GLN C 199 20.98 -20.61 1.48
CA GLN C 199 22.21 -19.84 1.60
C GLN C 199 22.20 -19.10 2.93
N VAL C 200 23.27 -19.24 3.69
CA VAL C 200 23.38 -18.63 5.01
C VAL C 200 24.62 -17.76 5.03
N THR C 201 24.43 -16.46 5.27
CA THR C 201 25.52 -15.50 5.33
C THR C 201 25.89 -15.21 6.78
N HIS C 202 27.18 -15.34 7.10
CA HIS C 202 27.65 -15.13 8.46
C HIS C 202 29.07 -14.59 8.43
N GLU C 203 29.27 -13.42 9.03
CA GLU C 203 30.60 -12.81 9.18
C GLU C 203 31.34 -12.69 7.85
N GLY C 204 30.66 -12.07 6.88
CA GLY C 204 31.30 -11.81 5.60
C GLY C 204 31.50 -12.99 4.69
N SER C 205 30.84 -14.12 4.96
CA SER C 205 30.96 -15.30 4.11
C SER C 205 29.61 -16.00 4.02
N THR C 206 29.38 -16.67 2.90
CA THR C 206 28.09 -17.30 2.60
C THR C 206 28.32 -18.79 2.36
N VAL C 207 27.55 -19.63 3.06
CA VAL C 207 27.55 -21.07 2.86
C VAL C 207 26.21 -21.47 2.26
N GLU C 208 26.24 -22.33 1.24
CA GLU C 208 25.05 -22.75 0.52
C GLU C 208 24.98 -24.28 0.51
N LYS C 209 23.82 -24.82 0.86
CA LYS C 209 23.56 -26.25 0.75
C LYS C 209 22.40 -26.47 -0.20
N THR C 210 22.42 -27.59 -0.94
CA THR C 210 21.50 -27.81 -2.04
C THR C 210 20.83 -29.18 -1.96
N VAL C 211 19.52 -29.21 -2.23
CA VAL C 211 18.74 -30.44 -2.28
C VAL C 211 18.20 -30.62 -3.69
N ALA C 212 17.97 -31.87 -4.08
CA ALA C 212 17.37 -32.21 -5.36
C ALA C 212 16.31 -33.30 -5.16
N PRO C 213 15.18 -33.20 -5.87
CA PRO C 213 14.14 -34.24 -5.73
C PRO C 213 14.57 -35.63 -6.19
N THR C 214 15.72 -35.76 -6.85
CA THR C 214 16.10 -37.00 -7.53
C THR C 214 17.36 -37.64 -6.96
N GLU C 215 17.68 -37.39 -5.68
CA GLU C 215 18.99 -37.73 -5.16
C GLU C 215 18.90 -38.62 -3.93
N CYS C 216 18.39 -38.13 -2.79
CA CYS C 216 18.40 -38.78 -1.47
C CYS C 216 19.73 -38.54 -0.78
N GLN D 2 9.13 5.21 37.72
CA GLN D 2 7.80 5.61 38.17
C GLN D 2 6.80 5.60 37.01
N VAL D 3 7.30 5.97 35.83
CA VAL D 3 6.48 5.92 34.62
C VAL D 3 6.13 4.47 34.32
N GLN D 4 4.86 4.20 34.05
CA GLN D 4 4.44 2.84 33.74
C GLN D 4 3.36 2.85 32.66
N LEU D 5 3.48 1.91 31.74
CA LEU D 5 2.53 1.74 30.64
C LEU D 5 2.19 0.25 30.52
N VAL D 6 0.91 -0.07 30.49
CA VAL D 6 0.44 -1.45 30.48
C VAL D 6 -0.53 -1.62 29.32
N GLU D 7 -0.13 -2.38 28.31
CA GLU D 7 -1.01 -2.72 27.21
C GLU D 7 -1.86 -3.93 27.57
N SER D 8 -3.04 -4.00 26.95
CA SER D 8 -3.93 -5.13 27.15
C SER D 8 -4.85 -5.24 25.94
N GLY D 9 -5.66 -6.31 25.93
CA GLY D 9 -6.61 -6.54 24.86
C GLY D 9 -6.13 -7.47 23.78
N GLY D 10 -4.88 -7.92 23.83
CA GLY D 10 -4.37 -8.82 22.81
C GLY D 10 -4.92 -10.23 22.95
N GLY D 11 -4.84 -10.96 21.86
CA GLY D 11 -5.31 -12.34 21.85
C GLY D 11 -5.40 -12.84 20.42
N VAL D 12 -6.07 -13.99 20.28
CA VAL D 12 -6.29 -14.57 18.96
C VAL D 12 -7.50 -13.90 18.31
N VAL D 13 -7.34 -13.52 17.05
CA VAL D 13 -8.40 -12.85 16.29
C VAL D 13 -8.33 -13.37 14.86
N GLN D 14 -9.50 -13.45 14.21
CA GLN D 14 -9.58 -14.00 12.88
C GLN D 14 -9.33 -12.92 11.82
N PRO D 15 -8.79 -13.30 10.67
CA PRO D 15 -8.60 -12.32 9.59
C PRO D 15 -9.90 -11.62 9.24
N GLY D 16 -9.79 -10.34 8.88
CA GLY D 16 -10.96 -9.54 8.56
C GLY D 16 -11.69 -8.99 9.77
N ARG D 17 -11.57 -9.63 10.94
CA ARG D 17 -12.24 -9.15 12.12
C ARG D 17 -11.58 -7.88 12.66
N SER D 18 -12.14 -7.39 13.76
CA SER D 18 -11.63 -6.20 14.44
C SER D 18 -11.15 -6.57 15.83
N LEU D 19 -10.35 -5.68 16.40
CA LEU D 19 -9.84 -5.85 17.75
C LEU D 19 -9.37 -4.49 18.27
N ARG D 20 -9.57 -4.27 19.55
CA ARG D 20 -9.31 -2.97 20.18
C ARG D 20 -8.35 -3.16 21.34
N LEU D 21 -7.16 -2.57 21.22
CA LEU D 21 -6.15 -2.60 22.27
C LEU D 21 -6.25 -1.34 23.11
N SER D 22 -5.87 -1.46 24.38
CA SER D 22 -5.80 -0.32 25.27
C SER D 22 -4.43 -0.29 25.94
N CYS D 23 -4.03 0.91 26.36
CA CYS D 23 -2.77 1.10 27.06
C CYS D 23 -3.01 2.05 28.23
N ALA D 24 -2.83 1.53 29.45
CA ALA D 24 -3.06 2.30 30.66
C ALA D 24 -1.76 2.91 31.14
N ALA D 25 -1.82 4.16 31.60
CA ALA D 25 -0.65 4.94 31.95
C ALA D 25 -0.67 5.31 33.43
N SER D 26 0.53 5.38 34.01
CA SER D 26 0.69 5.76 35.42
C SER D 26 2.04 6.44 35.58
N GLY D 27 2.16 7.19 36.67
CA GLY D 27 3.43 7.80 37.03
C GLY D 27 3.78 9.08 36.31
N PHE D 28 2.90 9.60 35.47
CA PHE D 28 3.13 10.88 34.82
C PHE D 28 1.79 11.47 34.41
N THR D 29 1.81 12.76 34.08
CA THR D 29 0.62 13.49 33.64
C THR D 29 0.33 13.12 32.19
N PHE D 30 -0.49 12.07 32.04
CA PHE D 30 -0.83 11.51 30.73
C PHE D 30 -1.27 12.56 29.71
N ASN D 31 -2.16 13.47 30.12
CA ASN D 31 -2.74 14.45 29.19
C ASN D 31 -1.72 15.41 28.61
N ASN D 32 -0.47 15.41 29.07
CA ASN D 32 0.50 16.39 28.60
C ASN D 32 1.37 15.87 27.48
N TYR D 33 1.22 14.63 27.05
CA TYR D 33 2.15 14.03 26.12
C TYR D 33 1.41 13.26 25.03
N GLY D 34 2.00 13.27 23.84
CA GLY D 34 1.57 12.37 22.81
C GLY D 34 1.93 10.93 23.15
N MET D 35 1.30 10.02 22.43
CA MET D 35 1.43 8.57 22.62
C MET D 35 1.56 7.89 21.27
N HIS D 36 2.48 6.94 21.18
CA HIS D 36 2.66 6.14 19.97
C HIS D 36 2.25 4.70 20.21
N TRP D 37 1.86 4.02 19.14
CA TRP D 37 1.74 2.58 19.08
C TRP D 37 2.86 2.05 18.19
N VAL D 38 3.53 1.00 18.65
CA VAL D 38 4.60 0.34 17.91
C VAL D 38 4.37 -1.17 18.03
N ARG D 39 4.56 -1.88 16.93
CA ARG D 39 4.38 -3.33 16.92
C ARG D 39 5.67 -4.02 16.50
N GLN D 40 5.78 -5.30 16.88
CA GLN D 40 6.96 -6.10 16.53
C GLN D 40 6.51 -7.54 16.32
N ALA D 41 6.58 -8.02 15.08
CA ALA D 41 6.30 -9.41 14.81
C ALA D 41 7.33 -10.28 15.51
N PRO D 42 6.95 -11.49 15.95
CA PRO D 42 7.89 -12.33 16.71
C PRO D 42 9.21 -12.56 16.00
N GLY D 43 10.31 -12.15 16.64
CA GLY D 43 11.62 -12.31 16.08
C GLY D 43 11.98 -11.37 14.95
N LYS D 44 11.20 -10.31 14.74
CA LYS D 44 11.44 -9.35 13.67
C LYS D 44 11.69 -7.97 14.27
N GLY D 45 11.75 -6.95 13.39
CA GLY D 45 12.07 -5.60 13.82
C GLY D 45 10.88 -4.80 14.29
N LEU D 46 11.19 -3.66 14.92
CA LEU D 46 10.17 -2.71 15.35
C LEU D 46 9.52 -2.03 14.15
N GLU D 47 8.19 -1.86 14.22
CA GLU D 47 7.44 -1.15 13.18
C GLU D 47 6.55 -0.11 13.83
N TRP D 48 6.81 1.16 13.53
CA TRP D 48 5.97 2.24 14.04
C TRP D 48 4.58 2.18 13.41
N VAL D 49 3.55 2.34 14.23
CA VAL D 49 2.16 2.15 13.81
C VAL D 49 1.41 3.48 13.73
N ALA D 50 1.31 4.19 14.85
CA ALA D 50 0.49 5.40 14.88
C ALA D 50 0.89 6.26 16.06
N VAL D 51 0.46 7.52 16.02
CA VAL D 51 0.71 8.48 17.09
C VAL D 51 -0.50 9.37 17.25
N ILE D 52 -0.71 9.86 18.47
CA ILE D 52 -1.78 10.80 18.77
C ILE D 52 -1.23 11.86 19.73
N SER D 53 -1.67 13.10 19.54
CA SER D 53 -1.16 14.20 20.34
C SER D 53 -1.80 14.17 21.73
N TYR D 54 -1.29 15.05 22.60
CA TYR D 54 -1.68 15.05 24.01
C TYR D 54 -3.19 15.22 24.18
N ASP D 55 -3.83 15.99 23.31
CA ASP D 55 -5.27 16.25 23.41
C ASP D 55 -6.08 15.58 22.31
N GLY D 56 -5.46 14.72 21.50
CA GLY D 56 -6.18 14.05 20.44
C GLY D 56 -6.48 14.90 19.22
N SER D 57 -5.91 16.11 19.14
CA SER D 57 -6.19 16.97 18.00
C SER D 57 -5.50 16.46 16.73
N ASN D 58 -4.35 15.81 16.86
CA ASN D 58 -3.59 15.32 15.72
C ASN D 58 -3.33 13.82 15.85
N LYS D 59 -3.54 13.11 14.74
CA LYS D 59 -3.31 11.68 14.64
C LYS D 59 -2.61 11.38 13.33
N TYR D 60 -1.63 10.47 13.37
CA TYR D 60 -0.90 10.06 12.18
C TYR D 60 -0.69 8.56 12.21
N TYR D 61 -0.63 7.95 11.02
CA TYR D 61 -0.56 6.51 10.87
C TYR D 61 0.52 6.12 9.89
N ALA D 62 1.09 4.93 10.10
CA ALA D 62 1.94 4.32 9.10
C ALA D 62 1.12 3.90 7.89
N ASP D 63 1.77 3.86 6.73
CA ASP D 63 1.09 3.47 5.50
C ASP D 63 0.51 2.06 5.60
N SER D 64 1.18 1.16 6.30
CA SER D 64 0.75 -0.23 6.35
C SER D 64 -0.55 -0.45 7.13
N VAL D 65 -1.03 0.57 7.86
CA VAL D 65 -2.23 0.41 8.67
C VAL D 65 -3.23 1.51 8.36
N LYS D 66 -2.81 2.49 7.57
CA LYS D 66 -3.65 3.64 7.28
C LYS D 66 -4.95 3.23 6.63
N GLY D 67 -6.06 3.73 7.16
CA GLY D 67 -7.38 3.36 6.70
C GLY D 67 -8.01 2.23 7.48
N ARG D 68 -7.20 1.35 8.06
CA ARG D 68 -7.70 0.20 8.79
C ARG D 68 -7.61 0.33 10.31
N PHE D 69 -6.69 1.15 10.81
CA PHE D 69 -6.49 1.33 12.25
C PHE D 69 -6.86 2.75 12.64
N THR D 70 -7.45 2.89 13.82
CA THR D 70 -7.73 4.20 14.41
C THR D 70 -7.12 4.28 15.80
N ILE D 71 -6.49 5.41 16.10
CA ILE D 71 -5.90 5.67 17.41
C ILE D 71 -6.76 6.71 18.10
N SER D 72 -6.92 6.55 19.41
CA SER D 72 -7.69 7.49 20.21
C SER D 72 -7.20 7.42 21.65
N ARG D 73 -7.64 8.39 22.45
CA ARG D 73 -7.26 8.46 23.85
C ARG D 73 -8.40 9.04 24.65
N ASP D 74 -8.44 8.66 25.94
CA ASP D 74 -9.39 9.21 26.89
C ASP D 74 -8.55 9.71 28.06
N ASN D 75 -8.29 11.02 28.10
CA ASN D 75 -7.42 11.57 29.12
C ASN D 75 -8.03 11.47 30.50
N SER D 76 -9.36 11.39 30.62
CA SER D 76 -9.99 11.22 31.92
C SER D 76 -9.72 9.85 32.52
N LYS D 77 -9.34 8.87 31.70
CA LYS D 77 -9.06 7.53 32.18
C LYS D 77 -7.63 7.10 31.90
N ASN D 78 -6.73 8.05 31.62
CA ASN D 78 -5.32 7.80 31.36
C ASN D 78 -5.08 6.62 30.44
N THR D 79 -5.87 6.50 29.37
CA THR D 79 -5.82 5.32 28.53
C THR D 79 -5.74 5.70 27.06
N LEU D 80 -4.86 5.01 26.34
CA LEU D 80 -4.70 5.13 24.90
C LEU D 80 -5.30 3.89 24.24
N TYR D 81 -5.96 4.08 23.10
CA TYR D 81 -6.62 2.97 22.42
C TYR D 81 -6.12 2.85 20.98
N LEU D 82 -6.11 1.60 20.50
CA LEU D 82 -5.88 1.31 19.09
C LEU D 82 -7.01 0.40 18.61
N GLN D 83 -7.86 0.93 17.73
CA GLN D 83 -8.94 0.16 17.11
C GLN D 83 -8.42 -0.39 15.79
N MET D 84 -8.26 -1.71 15.71
CA MET D 84 -7.76 -2.36 14.51
C MET D 84 -8.90 -3.04 13.78
N ASN D 85 -9.06 -2.72 12.51
CA ASN D 85 -10.10 -3.31 11.66
C ASN D 85 -9.47 -3.98 10.44
N SER D 86 -10.22 -4.90 9.85
CA SER D 86 -9.79 -5.64 8.65
C SER D 86 -8.43 -6.27 8.89
N LEU D 87 -8.32 -7.03 9.98
CA LEU D 87 -7.05 -7.60 10.38
C LEU D 87 -6.59 -8.66 9.39
N ARG D 88 -5.30 -8.67 9.11
CA ARG D 88 -4.66 -9.63 8.23
C ARG D 88 -3.52 -10.34 8.97
N ALA D 89 -3.06 -11.44 8.38
CA ALA D 89 -1.97 -12.21 9.00
C ALA D 89 -0.73 -11.37 9.20
N GLU D 90 -0.45 -10.41 8.32
CA GLU D 90 0.72 -9.55 8.47
C GLU D 90 0.63 -8.65 9.70
N ASP D 91 -0.53 -8.56 10.35
CA ASP D 91 -0.69 -7.72 11.53
C ASP D 91 -0.28 -8.42 12.83
N THR D 92 -0.02 -9.73 12.79
CA THR D 92 0.38 -10.45 13.98
C THR D 92 1.67 -9.89 14.54
N ALA D 93 1.66 -9.50 15.81
CA ALA D 93 2.81 -8.84 16.41
C ALA D 93 2.57 -8.62 17.90
N VAL D 94 3.66 -8.28 18.60
CA VAL D 94 3.55 -7.66 19.92
C VAL D 94 3.33 -6.18 19.73
N TYR D 95 2.27 -5.65 20.36
CA TYR D 95 1.92 -4.25 20.21
C TYR D 95 2.34 -3.49 21.47
N TYR D 96 3.21 -2.49 21.29
CA TYR D 96 3.69 -1.65 22.36
C TYR D 96 3.04 -0.27 22.29
N CYS D 97 2.74 0.31 23.43
CA CYS D 97 2.49 1.74 23.50
C CYS D 97 3.74 2.41 24.07
N ALA D 98 3.98 3.64 23.62
CA ALA D 98 5.19 4.35 23.97
C ALA D 98 4.87 5.81 24.16
N LYS D 99 5.42 6.39 25.23
CA LYS D 99 5.19 7.79 25.54
C LYS D 99 6.07 8.67 24.68
N ASP D 100 5.49 9.73 24.13
CA ASP D 100 6.29 10.73 23.45
C ASP D 100 6.92 11.65 24.48
N LYS D 101 8.18 12.02 24.25
CA LYS D 101 8.92 12.78 25.24
C LYS D 101 8.42 14.22 25.37
N ARG D 102 7.93 14.80 24.27
CA ARG D 102 7.82 16.25 24.16
C ARG D 102 6.59 16.78 24.91
N PHE D 103 6.78 17.88 25.63
CA PHE D 103 5.75 18.48 26.46
C PHE D 103 4.80 19.33 25.63
N ILE D 104 3.49 19.11 25.80
CA ILE D 104 2.39 19.87 25.21
C ILE D 104 2.75 20.44 23.85
N THR D 105 2.65 19.63 22.81
CA THR D 105 2.98 20.08 21.46
C THR D 105 2.20 19.27 20.45
N MET D 106 1.97 19.86 19.29
CA MET D 106 1.29 19.18 18.20
C MET D 106 2.27 18.68 17.14
N ILE D 107 3.57 18.91 17.35
CA ILE D 107 4.61 18.27 16.57
C ILE D 107 4.89 16.92 17.21
N LEU D 108 4.73 15.85 16.43
CA LEU D 108 4.92 14.49 16.94
C LEU D 108 6.06 13.86 16.14
N VAL D 109 7.29 14.19 16.52
CA VAL D 109 8.48 13.65 15.86
C VAL D 109 9.23 12.65 16.71
N GLY D 110 8.85 12.47 17.98
CA GLY D 110 9.60 11.63 18.88
C GLY D 110 10.47 12.46 19.80
N PRO D 111 11.32 11.81 20.61
CA PRO D 111 11.52 10.35 20.68
C PRO D 111 10.52 9.64 21.59
N PHE D 112 10.46 8.32 21.47
CA PHE D 112 9.73 7.49 22.43
C PHE D 112 10.63 7.28 23.64
N ASP D 113 10.23 7.81 24.81
CA ASP D 113 11.11 7.74 25.97
C ASP D 113 10.83 6.54 26.86
N TYR D 114 9.56 6.12 26.97
CA TYR D 114 9.19 4.98 27.80
C TYR D 114 8.28 4.04 27.02
N TRP D 115 8.34 2.76 27.37
CA TRP D 115 7.62 1.69 26.69
C TRP D 115 6.88 0.82 27.68
N GLY D 116 5.74 0.27 27.23
CA GLY D 116 5.08 -0.79 27.95
C GLY D 116 5.72 -2.13 27.68
N GLN D 117 5.11 -3.18 28.24
CA GLN D 117 5.65 -4.52 28.05
C GLN D 117 5.01 -5.26 26.88
N GLY D 118 3.98 -4.71 26.25
CA GLY D 118 3.45 -5.23 25.02
C GLY D 118 2.32 -6.21 25.23
N THR D 119 1.51 -6.36 24.18
CA THR D 119 0.42 -7.33 24.16
C THR D 119 0.46 -8.08 22.84
N LEU D 120 0.37 -9.40 22.91
CA LEU D 120 0.47 -10.22 21.72
C LEU D 120 -0.86 -10.28 20.99
N VAL D 121 -0.84 -9.96 19.69
CA VAL D 121 -2.00 -10.07 18.83
C VAL D 121 -1.67 -11.08 17.73
N THR D 122 -2.43 -12.18 17.69
CA THR D 122 -2.21 -13.24 16.72
C THR D 122 -3.42 -13.32 15.79
N VAL D 123 -3.19 -13.04 14.50
CA VAL D 123 -4.26 -13.01 13.50
C VAL D 123 -4.24 -14.37 12.81
N SER D 124 -5.14 -15.26 13.24
CA SER D 124 -5.23 -16.60 12.69
C SER D 124 -6.68 -17.06 12.72
N SER D 125 -7.11 -17.71 11.64
CA SER D 125 -8.45 -18.30 11.58
C SER D 125 -8.49 -19.70 12.18
N ALA D 126 -7.38 -20.15 12.79
CA ALA D 126 -7.26 -21.52 13.25
C ALA D 126 -7.87 -21.68 14.64
N SER D 127 -8.27 -22.91 14.92
CA SER D 127 -8.74 -23.32 16.24
C SER D 127 -7.75 -24.32 16.82
N THR D 128 -7.97 -24.67 18.09
CA THR D 128 -7.10 -25.62 18.78
C THR D 128 -6.89 -26.88 17.96
N LYS D 129 -5.63 -27.15 17.60
CA LYS D 129 -5.29 -28.26 16.73
C LYS D 129 -3.97 -28.88 17.16
N GLY D 130 -3.99 -30.20 17.37
CA GLY D 130 -2.78 -30.93 17.66
C GLY D 130 -1.86 -30.97 16.46
N PRO D 131 -0.58 -31.26 16.69
CA PRO D 131 0.39 -31.23 15.59
C PRO D 131 0.51 -32.54 14.84
N SER D 132 0.93 -32.43 13.59
CA SER D 132 1.41 -33.55 12.80
C SER D 132 2.92 -33.54 12.88
N VAL D 133 3.51 -34.70 13.13
CA VAL D 133 4.95 -34.81 13.34
C VAL D 133 5.53 -35.63 12.21
N PHE D 134 6.48 -35.05 11.49
CA PHE D 134 7.12 -35.69 10.37
C PHE D 134 8.61 -35.87 10.65
N PRO D 135 9.22 -36.94 10.15
CA PRO D 135 10.62 -37.20 10.45
C PRO D 135 11.55 -36.36 9.59
N LEU D 136 12.67 -35.95 10.19
CA LEU D 136 13.78 -35.35 9.47
C LEU D 136 14.91 -36.35 9.58
N ALA D 137 14.94 -37.27 8.64
CA ALA D 137 15.81 -38.42 8.76
C ALA D 137 17.22 -38.07 8.30
N PRO D 138 18.24 -38.75 8.81
CA PRO D 138 19.60 -38.49 8.33
C PRO D 138 19.80 -39.06 6.93
N SER D 139 20.55 -38.33 6.12
CA SER D 139 20.74 -38.73 4.73
C SER D 139 21.86 -39.75 4.67
N SER D 140 23.11 -39.28 4.55
CA SER D 140 24.31 -40.10 4.66
C SER D 140 25.55 -39.24 4.48
N GLY D 146 31.81 -40.42 12.46
CA GLY D 146 31.07 -39.33 11.84
C GLY D 146 29.79 -38.98 12.58
N THR D 147 29.35 -37.74 12.44
CA THR D 147 28.12 -37.27 13.05
C THR D 147 27.06 -37.01 11.99
N ALA D 148 25.80 -37.26 12.36
CA ALA D 148 24.66 -37.01 11.51
C ALA D 148 23.59 -36.26 12.29
N ALA D 149 22.90 -35.35 11.62
CA ALA D 149 21.83 -34.57 12.21
C ALA D 149 20.51 -35.26 11.96
N LEU D 150 19.71 -35.43 13.01
CA LEU D 150 18.35 -35.92 12.85
C LEU D 150 17.39 -35.04 13.62
N GLY D 151 16.11 -35.15 13.29
CA GLY D 151 15.11 -34.25 13.82
C GLY D 151 13.72 -34.75 13.50
N CYS D 152 12.74 -34.06 14.07
CA CYS D 152 11.36 -34.25 13.63
C CYS D 152 10.70 -32.89 13.47
N LEU D 153 9.87 -32.77 12.45
CA LEU D 153 9.21 -31.52 12.09
C LEU D 153 7.80 -31.53 12.69
N VAL D 154 7.55 -30.62 13.61
CA VAL D 154 6.27 -30.53 14.31
C VAL D 154 5.45 -29.45 13.63
N LYS D 155 4.48 -29.87 12.83
CA LYS D 155 3.82 -28.99 11.87
C LYS D 155 2.33 -28.83 12.18
N ASP D 156 1.83 -27.62 11.93
CA ASP D 156 0.40 -27.35 11.83
C ASP D 156 -0.34 -27.63 13.14
N TYR D 157 0.08 -26.92 14.19
CA TYR D 157 -0.60 -26.97 15.46
C TYR D 157 -1.03 -25.57 15.88
N PHE D 158 -1.90 -25.51 16.88
CA PHE D 158 -2.43 -24.25 17.36
C PHE D 158 -3.14 -24.48 18.69
N PRO D 159 -2.90 -23.64 19.71
CA PRO D 159 -1.92 -22.56 19.65
C PRO D 159 -0.58 -23.00 20.23
N GLU D 160 0.31 -22.05 20.51
CA GLU D 160 1.52 -22.35 21.25
C GLU D 160 1.15 -22.68 22.70
N PRO D 161 2.02 -23.40 23.42
CA PRO D 161 3.33 -23.95 23.04
C PRO D 161 3.36 -25.46 22.79
N VAL D 162 4.43 -25.91 22.15
CA VAL D 162 4.76 -27.32 22.01
C VAL D 162 6.10 -27.56 22.69
N THR D 163 6.20 -28.65 23.45
CA THR D 163 7.45 -29.05 24.08
C THR D 163 7.90 -30.39 23.51
N VAL D 164 9.22 -30.54 23.35
CA VAL D 164 9.81 -31.69 22.68
C VAL D 164 10.92 -32.25 23.54
N SER D 165 10.95 -33.58 23.68
CA SER D 165 12.06 -34.30 24.27
C SER D 165 12.45 -35.44 23.33
N TRP D 166 13.56 -36.10 23.62
CA TRP D 166 14.02 -37.21 22.81
C TRP D 166 14.24 -38.45 23.67
N ASN D 167 13.81 -39.60 23.14
CA ASN D 167 13.89 -40.88 23.85
C ASN D 167 13.41 -40.76 25.29
N SER D 168 12.25 -40.12 25.46
CA SER D 168 11.60 -39.94 26.75
C SER D 168 12.49 -39.21 27.75
N GLY D 169 13.42 -38.39 27.25
CA GLY D 169 14.31 -37.63 28.10
C GLY D 169 15.70 -38.21 28.24
N ALA D 170 15.90 -39.46 27.85
CA ALA D 170 17.22 -40.07 27.99
C ALA D 170 18.25 -39.39 27.09
N LEU D 171 17.82 -38.84 25.96
CA LEU D 171 18.72 -38.21 24.99
C LEU D 171 18.61 -36.69 25.14
N THR D 172 19.68 -36.08 25.66
CA THR D 172 19.72 -34.63 25.87
C THR D 172 20.94 -34.03 25.18
N SER D 173 22.01 -34.81 25.06
CA SER D 173 23.25 -34.34 24.46
C SER D 173 23.07 -34.12 22.97
N GLY D 174 23.34 -32.90 22.51
CA GLY D 174 23.24 -32.55 21.11
C GLY D 174 21.86 -32.12 20.66
N VAL D 175 20.91 -32.00 21.58
CA VAL D 175 19.52 -31.70 21.24
C VAL D 175 19.33 -30.19 21.22
N HIS D 176 18.67 -29.68 20.18
CA HIS D 176 18.22 -28.30 20.17
C HIS D 176 16.83 -28.21 19.57
N THR D 177 15.92 -27.57 20.30
CA THR D 177 14.56 -27.35 19.86
C THR D 177 14.38 -25.88 19.55
N PHE D 178 13.89 -25.58 18.33
CA PHE D 178 13.83 -24.22 17.81
C PHE D 178 12.53 -23.53 18.22
N PRO D 179 12.50 -22.20 18.18
CA PRO D 179 11.22 -21.49 18.33
C PRO D 179 10.31 -21.76 17.15
N ALA D 180 9.02 -21.56 17.39
CA ALA D 180 8.02 -21.83 16.36
C ALA D 180 7.92 -20.69 15.36
N VAL D 181 7.49 -21.03 14.15
CA VAL D 181 7.16 -20.05 13.11
C VAL D 181 5.66 -20.15 12.85
N LEU D 182 5.05 -19.01 12.53
CA LEU D 182 3.64 -18.94 12.20
C LEU D 182 3.51 -18.83 10.69
N GLN D 183 2.88 -19.82 10.07
CA GLN D 183 2.80 -19.88 8.61
C GLN D 183 1.65 -19.01 8.10
N SER D 184 1.68 -18.78 6.78
CA SER D 184 0.54 -18.17 6.08
C SER D 184 -0.77 -18.81 6.50
N SER D 185 -0.81 -20.14 6.58
CA SER D 185 -2.00 -20.88 6.93
C SER D 185 -2.55 -20.54 8.32
N GLY D 186 -1.78 -19.82 9.14
CA GLY D 186 -2.21 -19.51 10.48
C GLY D 186 -1.89 -20.55 11.52
N LEU D 187 -1.15 -21.60 11.15
CA LEU D 187 -0.74 -22.65 12.06
C LEU D 187 0.74 -22.51 12.37
N TYR D 188 1.14 -23.00 13.54
CA TYR D 188 2.53 -22.93 13.98
C TYR D 188 3.29 -24.19 13.56
N SER D 189 4.61 -24.04 13.40
CA SER D 189 5.50 -25.16 13.15
C SER D 189 6.83 -24.90 13.83
N LEU D 190 7.49 -25.98 14.24
CA LEU D 190 8.85 -25.88 14.76
C LEU D 190 9.57 -27.19 14.47
N SER D 191 10.88 -27.18 14.73
CA SER D 191 11.72 -28.35 14.58
C SER D 191 12.56 -28.55 15.84
N SER D 192 12.83 -29.81 16.15
CA SER D 192 13.82 -30.17 17.16
C SER D 192 14.85 -31.07 16.51
N VAL D 193 16.13 -30.81 16.79
CA VAL D 193 17.23 -31.48 16.12
C VAL D 193 18.15 -32.09 17.17
N VAL D 194 18.80 -33.20 16.82
CA VAL D 194 19.84 -33.81 17.65
C VAL D 194 20.90 -34.40 16.74
N THR D 195 22.17 -34.18 17.10
CA THR D 195 23.30 -34.77 16.39
C THR D 195 23.80 -36.01 17.11
N VAL D 196 23.99 -37.09 16.36
CA VAL D 196 24.29 -38.41 16.91
C VAL D 196 25.47 -39.00 16.15
N PRO D 197 26.16 -39.96 16.74
CA PRO D 197 27.17 -40.72 15.98
C PRO D 197 26.53 -41.56 14.88
N SER D 198 27.11 -41.50 13.68
CA SER D 198 26.58 -42.25 12.55
C SER D 198 26.59 -43.75 12.79
N SER D 199 27.59 -44.24 13.55
CA SER D 199 27.67 -45.68 13.82
C SER D 199 26.46 -46.19 14.60
N SER D 200 25.75 -45.32 15.31
CA SER D 200 24.59 -45.73 16.08
C SER D 200 23.31 -45.79 15.25
N LEU D 201 23.34 -45.31 14.01
CA LEU D 201 22.12 -45.20 13.21
C LEU D 201 21.48 -46.57 12.97
N GLY D 202 22.31 -47.60 12.76
CA GLY D 202 21.77 -48.93 12.53
C GLY D 202 21.27 -49.63 13.77
N THR D 203 21.68 -49.18 14.95
CA THR D 203 21.39 -49.89 16.19
C THR D 203 20.51 -49.12 17.16
N GLN D 204 20.72 -47.81 17.30
CA GLN D 204 20.04 -47.04 18.33
C GLN D 204 18.74 -46.45 17.81
N THR D 205 17.69 -46.56 18.63
CA THR D 205 16.38 -46.03 18.30
C THR D 205 16.29 -44.57 18.70
N TYR D 206 15.75 -43.73 17.81
CA TYR D 206 15.59 -42.31 18.08
C TYR D 206 14.13 -41.93 17.93
N ILE D 207 13.54 -41.40 19.01
CA ILE D 207 12.13 -41.05 19.08
C ILE D 207 12.02 -39.68 19.72
N CYS D 208 11.37 -38.74 19.03
CA CYS D 208 11.07 -37.46 19.64
C CYS D 208 9.68 -37.49 20.24
N ASN D 209 9.55 -36.93 21.45
CA ASN D 209 8.30 -36.91 22.19
C ASN D 209 7.74 -35.49 22.16
N VAL D 210 6.57 -35.34 21.55
CA VAL D 210 5.96 -34.03 21.34
C VAL D 210 4.72 -33.95 22.22
N ASN D 211 4.70 -32.98 23.12
CA ASN D 211 3.56 -32.74 24.00
C ASN D 211 2.92 -31.43 23.60
N HIS D 212 1.60 -31.44 23.41
CA HIS D 212 0.82 -30.25 23.07
C HIS D 212 -0.36 -30.19 24.02
N LYS D 213 -0.15 -29.61 25.20
CA LYS D 213 -1.20 -29.56 26.21
C LYS D 213 -2.50 -28.89 25.77
N PRO D 214 -2.49 -27.79 25.00
CA PRO D 214 -3.77 -27.18 24.63
C PRO D 214 -4.75 -28.10 23.90
N SER D 215 -4.27 -29.09 23.16
CA SER D 215 -5.14 -30.04 22.49
C SER D 215 -5.17 -31.41 23.17
N ASN D 216 -4.52 -31.55 24.33
CA ASN D 216 -4.42 -32.84 25.04
C ASN D 216 -3.84 -33.92 24.13
N THR D 217 -2.75 -33.57 23.44
CA THR D 217 -2.12 -34.47 22.50
C THR D 217 -0.65 -34.66 22.84
N LYS D 218 -0.23 -35.92 22.99
CA LYS D 218 1.17 -36.30 23.04
C LYS D 218 1.44 -37.21 21.84
N VAL D 219 2.53 -36.93 21.13
CA VAL D 219 2.91 -37.71 19.95
C VAL D 219 4.36 -38.14 20.11
N ASP D 220 4.61 -39.44 19.91
CA ASP D 220 5.95 -39.99 19.84
C ASP D 220 6.19 -40.44 18.40
N LYS D 221 7.25 -39.94 17.78
CA LYS D 221 7.56 -40.25 16.40
C LYS D 221 8.92 -40.92 16.32
N ARG D 222 8.96 -42.12 15.77
CA ARG D 222 10.23 -42.79 15.50
C ARG D 222 10.82 -42.23 14.22
N VAL D 223 12.11 -41.90 14.25
CA VAL D 223 12.81 -41.34 13.11
C VAL D 223 13.83 -42.39 12.66
N GLU D 224 13.59 -42.95 11.47
CA GLU D 224 14.39 -44.00 10.88
C GLU D 224 15.12 -43.51 9.64
N PRO D 225 16.19 -44.19 9.24
CA PRO D 225 16.89 -43.81 8.00
C PRO D 225 16.00 -43.92 6.77
N LYS D 226 16.25 -43.03 5.80
CA LYS D 226 15.41 -42.88 4.62
C LYS D 226 15.60 -44.02 3.60
N SER D 227 14.55 -44.24 2.81
CA SER D 227 14.67 -44.96 1.55
C SER D 227 15.43 -44.13 0.54
N CYS D 228 16.53 -44.70 0.02
CA CYS D 228 17.27 -44.08 -1.07
C CYS D 228 17.12 -44.91 -2.34
#